data_3LVU
#
_entry.id   3LVU
#
_cell.length_a   47.384
_cell.length_b   75.517
_cell.length_c   78.477
_cell.angle_alpha   82.63
_cell.angle_beta   80.29
_cell.angle_gamma   77.42
#
_symmetry.space_group_name_H-M   'P 1'
#
loop_
_entity.id
_entity.type
_entity.pdbx_description
1 polymer 'ABC transporter, periplasmic substrate-binding protein'
2 non-polymer 'IODIDE ION'
3 non-polymer GLYCEROL
4 non-polymer 1,2-ETHANEDIOL
5 non-polymer 1-METHOXY-2-[2-(2-METHOXY-ETHOXY]-ETHANE
6 water water
#
_entity_poly.entity_id   1
_entity_poly.type   'polypeptide(L)'
_entity_poly.pdbx_seq_one_letter_code
;SNAG(MSE)TGFVINTRRAPFDDWRLREALLLAFNFEFINDTVTGGV(MSE)PRITSYFSGTDLAYRPGTASGREAELLA
PFAADLPPGTLEGYALPQGDGTARNRTNLRRAAQFLEQAGFRIEQGQLLGPDGAPLALRFLLRQGDSD(MSE)QTVLEIY
TRALERLGIAAQIEKVDNAQYTARVAELDFDLTPFRRDLSLSPGNEQRLYWGSHSAGQPGTRNL(MSE)GAASPAIDA
(MSE)IDR(MSE)LAATTEDELTAATRALDRVLTAGRYVIPIWR
;
_entity_poly.pdbx_strand_id   A,B,C,D
#
# COMPACT_ATOMS: atom_id res chain seq x y z
N SER A 1 19.62 -0.98 41.79
CA SER A 1 20.01 -0.41 40.48
C SER A 1 18.92 -0.65 39.43
N ASN A 2 18.22 -1.79 39.53
CA ASN A 2 17.20 -2.21 38.54
C ASN A 2 16.07 -1.22 38.25
N ALA A 3 15.70 -0.44 39.28
CA ALA A 3 14.70 0.62 39.17
C ALA A 3 15.17 1.73 38.21
N GLY A 4 14.22 2.36 37.55
CA GLY A 4 14.57 3.40 36.60
C GLY A 4 13.85 3.09 35.32
N THR A 6 14.05 3.59 31.03
CA THR A 6 14.77 3.99 29.83
C THR A 6 13.84 3.74 28.66
N GLY A 7 13.76 4.69 27.72
CA GLY A 7 12.88 4.47 26.58
C GLY A 7 12.61 5.80 25.89
N PHE A 8 11.47 5.91 25.24
CA PHE A 8 11.14 7.14 24.52
C PHE A 8 9.98 7.80 25.23
N VAL A 9 10.25 8.96 25.80
CA VAL A 9 9.20 9.65 26.54
C VAL A 9 8.31 10.42 25.57
N ILE A 10 7.02 10.45 25.88
CA ILE A 10 6.00 11.10 25.05
C ILE A 10 5.60 12.37 25.73
N ASN A 11 5.65 13.48 24.98
CA ASN A 11 5.18 14.75 25.51
C ASN A 11 3.64 14.83 25.56
N THR A 12 3.07 14.45 26.71
CA THR A 12 1.60 14.43 26.85
C THR A 12 0.96 15.81 26.92
N ARG A 13 1.77 16.86 26.93
CA ARG A 13 1.24 18.20 26.91
C ARG A 13 0.86 18.62 25.51
N ARG A 14 1.34 17.88 24.53
CA ARG A 14 1.19 18.34 23.17
C ARG A 14 0.14 17.50 22.51
N ALA A 15 -1.00 18.10 22.17
CA ALA A 15 -2.03 17.37 21.43
C ALA A 15 -1.45 16.89 20.10
N PRO A 16 -1.80 15.66 19.67
CA PRO A 16 -2.78 14.80 20.30
C PRO A 16 -2.17 13.72 21.20
N PHE A 17 -0.90 13.87 21.58
CA PHE A 17 -0.20 12.95 22.48
C PHE A 17 -0.80 12.91 23.89
N ASP A 18 -1.73 13.83 24.17
CA ASP A 18 -2.42 13.83 25.46
C ASP A 18 -3.49 12.74 25.54
N ASP A 19 -3.77 12.11 24.39
CA ASP A 19 -4.81 11.08 24.31
C ASP A 19 -4.14 9.76 24.58
N TRP A 20 -4.53 9.08 25.66
CA TRP A 20 -3.92 7.80 26.04
C TRP A 20 -4.05 6.74 24.93
N ARG A 21 -5.08 6.87 24.08
CA ARG A 21 -5.29 5.90 23.00
C ARG A 21 -4.25 6.03 21.92
N LEU A 22 -3.79 7.27 21.66
CA LEU A 22 -2.67 7.43 20.75
C LEU A 22 -1.42 6.82 21.39
N ARG A 23 -1.22 7.02 22.69
CA ARG A 23 -0.02 6.49 23.31
C ARG A 23 -0.05 4.98 23.28
N GLU A 24 -1.24 4.40 23.46
CA GLU A 24 -1.42 2.94 23.44
C GLU A 24 -1.07 2.46 22.04
N ALA A 25 -1.53 3.17 21.02
CA ALA A 25 -1.18 2.77 19.63
C ALA A 25 0.33 2.83 19.40
N LEU A 26 0.99 3.88 19.91
CA LEU A 26 2.43 4.02 19.76
C LEU A 26 3.16 2.88 20.44
N LEU A 27 2.64 2.48 21.60
CA LEU A 27 3.25 1.38 22.36
C LEU A 27 3.06 0.02 21.63
N LEU A 28 1.87 -0.19 21.10
CA LEU A 28 1.58 -1.44 20.35
C LEU A 28 2.43 -1.54 19.07
N ALA A 29 2.67 -0.42 18.41
CA ALA A 29 3.50 -0.40 17.18
C ALA A 29 4.98 -0.59 17.43
N PHE A 30 5.43 -0.41 18.67
CA PHE A 30 6.85 -0.60 19.01
C PHE A 30 7.11 -2.05 19.28
N ASN A 31 7.81 -2.70 18.35
CA ASN A 31 8.01 -4.13 18.40
C ASN A 31 9.28 -4.43 19.17
N PHE A 32 9.15 -4.43 20.49
CA PHE A 32 10.38 -4.52 21.31
C PHE A 32 11.18 -5.77 20.99
N GLU A 33 10.47 -6.90 20.81
CA GLU A 33 11.13 -8.18 20.72
C GLU A 33 11.96 -8.26 19.43
N PHE A 34 11.44 -7.71 18.33
CA PHE A 34 12.18 -7.66 17.08
C PHE A 34 13.33 -6.63 17.12
N ILE A 35 13.09 -5.47 17.71
CA ILE A 35 14.13 -4.44 17.85
C ILE A 35 15.26 -4.99 18.73
N ASN A 36 14.88 -5.65 19.81
CA ASN A 36 15.83 -6.20 20.75
C ASN A 36 16.67 -7.34 20.15
N ASP A 37 16.02 -8.22 19.38
CA ASP A 37 16.74 -9.22 18.60
C ASP A 37 17.74 -8.55 17.67
N THR A 38 17.32 -7.47 17.02
CA THR A 38 18.15 -6.83 15.98
C THR A 38 19.30 -6.00 16.56
N VAL A 39 19.04 -5.25 17.62
CA VAL A 39 20.02 -4.31 18.15
C VAL A 39 20.92 -4.90 19.24
N THR A 40 20.42 -5.93 19.91
CA THR A 40 20.97 -6.45 21.15
C THR A 40 21.29 -7.93 21.06
N GLY A 41 20.81 -8.59 20.01
CA GLY A 41 20.86 -10.04 19.94
C GLY A 41 19.84 -10.72 20.84
N GLY A 42 18.94 -9.93 21.42
CA GLY A 42 17.85 -10.45 22.25
C GLY A 42 18.20 -10.78 23.69
N VAL A 43 19.36 -10.33 24.14
CA VAL A 43 19.89 -10.72 25.44
C VAL A 43 19.53 -9.76 26.57
N PRO A 45 16.64 -7.83 28.64
CA PRO A 45 15.24 -7.83 28.97
C PRO A 45 14.65 -6.43 28.96
N ARG A 46 13.38 -6.34 28.64
CA ARG A 46 12.69 -5.07 28.65
C ARG A 46 12.46 -4.60 30.08
N ILE A 47 12.51 -3.28 30.26
CA ILE A 47 12.08 -2.66 31.51
C ILE A 47 10.56 -2.68 31.47
N THR A 48 9.92 -3.28 32.48
CA THR A 48 8.49 -3.50 32.41
C THR A 48 7.69 -2.53 33.24
N SER A 49 8.38 -1.75 34.08
CA SER A 49 7.73 -0.67 34.81
C SER A 49 8.86 0.19 35.38
N TYR A 50 8.48 1.21 36.11
CA TYR A 50 9.47 2.18 36.59
C TYR A 50 10.37 1.59 37.68
N PHE A 51 9.80 0.70 38.48
CA PHE A 51 10.53 0.01 39.55
C PHE A 51 10.71 -1.46 39.27
N SER A 52 10.71 -1.85 37.99
CA SER A 52 10.86 -3.26 37.65
C SER A 52 12.20 -3.84 38.10
N GLY A 53 12.19 -5.13 38.39
CA GLY A 53 13.36 -5.86 38.82
C GLY A 53 13.68 -5.56 40.27
N THR A 54 12.73 -4.95 40.97
CA THR A 54 12.84 -4.71 42.40
C THR A 54 11.54 -5.15 43.11
N ASP A 55 11.60 -5.15 44.43
CA ASP A 55 10.43 -5.42 45.26
C ASP A 55 9.39 -4.29 45.22
N LEU A 56 9.76 -3.13 44.65
CA LEU A 56 8.81 -2.02 44.57
C LEU A 56 7.99 -2.05 43.29
N ALA A 57 8.29 -2.97 42.37
CA ALA A 57 7.48 -3.14 41.13
C ALA A 57 6.06 -3.60 41.48
N TYR A 58 5.07 -3.07 40.78
CA TYR A 58 3.74 -3.58 41.02
C TYR A 58 3.60 -5.04 40.61
N ARG A 59 2.67 -5.73 41.26
CA ARG A 59 2.43 -7.14 40.96
C ARG A 59 1.46 -7.20 39.79
N PRO A 60 1.80 -7.98 38.76
CA PRO A 60 0.91 -8.09 37.58
C PRO A 60 -0.47 -8.62 37.96
N GLY A 61 -1.47 -8.14 37.23
CA GLY A 61 -2.85 -8.59 37.42
C GLY A 61 -3.62 -7.51 38.15
N THR A 62 -4.83 -7.86 38.53
CA THR A 62 -5.76 -6.93 39.16
C THR A 62 -5.17 -6.41 40.44
N ALA A 63 -5.28 -5.09 40.64
CA ALA A 63 -4.83 -4.49 41.89
C ALA A 63 -5.66 -5.13 43.03
N SER A 64 -4.99 -5.60 44.07
CA SER A 64 -5.67 -6.24 45.20
C SER A 64 -5.18 -5.69 46.52
N GLY A 65 -5.88 -6.04 47.60
CA GLY A 65 -5.41 -5.73 48.95
C GLY A 65 -5.26 -4.23 49.19
N ARG A 66 -4.23 -3.88 49.93
CA ARG A 66 -3.96 -2.51 50.33
C ARG A 66 -3.71 -1.60 49.13
N GLU A 67 -3.05 -2.12 48.09
CA GLU A 67 -2.82 -1.36 46.85
C GLU A 67 -4.15 -0.96 46.22
N ALA A 68 -5.10 -1.90 46.16
CA ALA A 68 -6.41 -1.60 45.59
C ALA A 68 -7.17 -0.58 46.44
N GLU A 69 -7.07 -0.71 47.76
CA GLU A 69 -7.68 0.31 48.66
C GLU A 69 -7.10 1.70 48.43
N LEU A 70 -5.78 1.81 48.22
CA LEU A 70 -5.13 3.10 48.01
C LEU A 70 -5.58 3.70 46.69
N LEU A 71 -5.81 2.86 45.69
CA LEU A 71 -6.17 3.35 44.39
C LEU A 71 -7.66 3.58 44.20
N ALA A 72 -8.49 2.95 45.02
CA ALA A 72 -9.92 2.91 44.78
C ALA A 72 -10.58 4.30 44.67
N PRO A 73 -10.14 5.29 45.48
CA PRO A 73 -10.74 6.62 45.36
C PRO A 73 -10.55 7.30 44.01
N PHE A 74 -9.54 6.86 43.26
CA PHE A 74 -9.19 7.49 41.98
C PHE A 74 -9.70 6.65 40.80
N ALA A 75 -10.47 5.61 41.10
CA ALA A 75 -10.85 4.59 40.11
C ALA A 75 -11.42 5.15 38.79
N ALA A 76 -12.37 6.08 38.91
CA ALA A 76 -12.99 6.70 37.73
C ALA A 76 -12.01 7.48 36.85
N ASP A 77 -10.93 7.97 37.46
CA ASP A 77 -9.99 8.85 36.77
C ASP A 77 -8.63 8.22 36.38
N LEU A 78 -8.40 6.96 36.75
CA LEU A 78 -7.13 6.30 36.44
C LEU A 78 -7.01 6.00 34.95
N PRO A 79 -5.78 5.86 34.44
CA PRO A 79 -5.63 5.48 33.03
C PRO A 79 -6.34 4.17 32.80
N PRO A 80 -7.05 4.02 31.67
CA PRO A 80 -7.77 2.79 31.51
C PRO A 80 -6.83 1.58 31.63
N GLY A 81 -7.32 0.54 32.30
CA GLY A 81 -6.54 -0.67 32.50
C GLY A 81 -5.70 -0.71 33.78
N THR A 82 -5.65 0.40 34.51
CA THR A 82 -4.81 0.49 35.69
C THR A 82 -5.16 -0.59 36.70
N LEU A 83 -6.42 -0.68 37.12
CA LEU A 83 -6.80 -1.61 38.17
C LEU A 83 -6.97 -3.04 37.64
N GLU A 84 -7.33 -3.15 36.35
CA GLU A 84 -7.60 -4.44 35.71
C GLU A 84 -6.33 -5.25 35.54
N GLY A 85 -5.20 -4.54 35.47
CA GLY A 85 -3.90 -5.15 35.29
C GLY A 85 -3.38 -4.85 33.89
N TYR A 86 -2.57 -3.81 33.82
CA TYR A 86 -1.92 -3.38 32.60
C TYR A 86 -0.54 -4.06 32.43
N ALA A 87 -0.24 -4.49 31.23
CA ALA A 87 1.11 -4.96 30.87
C ALA A 87 1.47 -4.36 29.51
N LEU A 88 2.76 -4.12 29.28
CA LEU A 88 3.29 -3.67 28.00
C LEU A 88 2.99 -4.68 26.89
N PRO A 89 2.81 -4.20 25.65
CA PRO A 89 2.58 -5.09 24.52
C PRO A 89 3.78 -5.99 24.27
N GLN A 90 3.50 -7.24 23.90
CA GLN A 90 4.56 -8.15 23.45
C GLN A 90 4.31 -8.48 21.98
N GLY A 91 5.37 -8.39 21.18
CA GLY A 91 5.31 -8.65 19.74
C GLY A 91 5.12 -10.14 19.48
N ASP A 92 4.98 -10.51 18.21
CA ASP A 92 4.67 -11.89 17.85
C ASP A 92 5.92 -12.71 17.53
N GLY A 93 7.08 -12.11 17.75
CA GLY A 93 8.34 -12.77 17.42
C GLY A 93 8.76 -12.65 15.96
N THR A 94 8.12 -11.75 15.20
CA THR A 94 8.45 -11.48 13.78
C THR A 94 8.61 -9.98 13.56
N ALA A 95 9.12 -9.59 12.40
CA ALA A 95 9.24 -8.19 12.00
C ALA A 95 7.90 -7.52 11.72
N ARG A 96 6.96 -8.29 11.20
CA ARG A 96 5.71 -7.74 10.70
C ARG A 96 4.75 -7.38 11.84
N ASN A 97 4.76 -8.18 12.89
CA ASN A 97 4.00 -7.86 14.12
C ASN A 97 2.52 -7.53 13.87
N ARG A 98 1.87 -8.39 13.09
CA ARG A 98 0.59 -8.07 12.48
C ARG A 98 -0.52 -7.74 13.47
N THR A 99 -0.68 -8.57 14.50
CA THR A 99 -1.77 -8.42 15.44
C THR A 99 -1.69 -7.09 16.20
N ASN A 100 -0.51 -6.80 16.71
CA ASN A 100 -0.33 -5.53 17.46
C ASN A 100 -0.49 -4.29 16.60
N LEU A 101 -0.08 -4.35 15.33
CA LEU A 101 -0.29 -3.21 14.44
C LEU A 101 -1.76 -3.04 14.13
N ARG A 102 -2.49 -4.15 14.00
CA ARG A 102 -3.93 -4.06 13.81
C ARG A 102 -4.64 -3.45 15.01
N ARG A 103 -4.21 -3.87 16.21
CA ARG A 103 -4.78 -3.31 17.41
C ARG A 103 -4.44 -1.81 17.50
N ALA A 104 -3.21 -1.46 17.13
CA ALA A 104 -2.80 -0.03 17.18
C ALA A 104 -3.67 0.80 16.21
N ALA A 105 -3.90 0.28 15.00
CA ALA A 105 -4.76 0.96 14.03
C ALA A 105 -6.16 1.16 14.58
N GLN A 106 -6.65 0.16 15.32
CA GLN A 106 -7.97 0.22 15.93
C GLN A 106 -8.05 1.31 17.00
N PHE A 107 -7.02 1.40 17.85
CA PHE A 107 -6.98 2.51 18.82
C PHE A 107 -6.93 3.89 18.15
N LEU A 108 -6.20 4.02 17.04
CA LEU A 108 -6.15 5.27 16.31
C LEU A 108 -7.55 5.62 15.77
N GLU A 109 -8.24 4.62 15.24
CA GLU A 109 -9.56 4.83 14.68
C GLU A 109 -10.51 5.25 15.80
N GLN A 110 -10.40 4.60 16.96
CA GLN A 110 -11.28 4.92 18.10
C GLN A 110 -11.07 6.33 18.62
N ALA A 111 -9.83 6.81 18.55
CA ALA A 111 -9.46 8.13 19.00
C ALA A 111 -9.73 9.21 17.95
N GLY A 112 -10.32 8.83 16.82
CA GLY A 112 -10.75 9.80 15.83
C GLY A 112 -9.77 10.13 14.72
N PHE A 113 -8.66 9.37 14.65
CA PHE A 113 -7.74 9.48 13.51
C PHE A 113 -8.35 8.74 12.33
N ARG A 114 -8.11 9.28 11.14
CA ARG A 114 -8.63 8.75 9.88
C ARG A 114 -7.50 8.72 8.87
N ILE A 115 -7.47 7.68 8.05
CA ILE A 115 -6.49 7.59 6.97
C ILE A 115 -7.04 8.24 5.70
N GLU A 116 -6.33 9.23 5.18
CA GLU A 116 -6.70 9.82 3.88
C GLU A 116 -5.49 9.91 2.97
N GLN A 117 -5.56 9.20 1.84
CA GLN A 117 -4.44 9.12 0.89
C GLN A 117 -3.15 8.62 1.55
N GLY A 118 -3.26 7.55 2.35
CA GLY A 118 -2.09 6.94 3.01
C GLY A 118 -1.49 7.78 4.13
N GLN A 119 -2.19 8.86 4.50
CA GLN A 119 -1.74 9.74 5.58
C GLN A 119 -2.70 9.66 6.78
N LEU A 120 -2.17 9.49 7.99
CA LEU A 120 -3.07 9.41 9.14
C LEU A 120 -3.33 10.84 9.61
N LEU A 121 -4.60 11.25 9.51
CA LEU A 121 -5.06 12.55 9.98
C LEU A 121 -5.47 12.47 11.46
N GLY A 122 -5.01 13.44 12.26
CA GLY A 122 -5.51 13.59 13.61
C GLY A 122 -6.99 13.96 13.59
N PRO A 123 -7.65 13.90 14.76
CA PRO A 123 -9.07 14.29 14.89
C PRO A 123 -9.33 15.71 14.37
N ASP A 124 -8.33 16.59 14.50
CA ASP A 124 -8.44 17.97 13.98
C ASP A 124 -8.39 18.08 12.44
N GLY A 125 -8.19 16.95 11.74
CA GLY A 125 -8.15 16.96 10.28
C GLY A 125 -6.77 17.16 9.66
N ALA A 126 -5.76 17.48 10.49
CA ALA A 126 -4.38 17.63 10.00
C ALA A 126 -3.59 16.31 10.12
N PRO A 127 -2.63 16.08 9.22
CA PRO A 127 -1.76 14.90 9.39
C PRO A 127 -1.05 14.89 10.74
N LEU A 128 -1.03 13.72 11.41
CA LEU A 128 -0.28 13.61 12.65
C LEU A 128 1.20 13.85 12.37
N ALA A 129 1.78 14.83 13.06
CA ALA A 129 3.21 15.06 12.96
C ALA A 129 3.92 14.38 14.13
N LEU A 130 4.91 13.55 13.83
CA LEU A 130 5.63 12.85 14.89
C LEU A 130 7.12 12.91 14.60
N ARG A 131 7.83 13.71 15.40
CA ARG A 131 9.28 13.79 15.27
C ARG A 131 9.95 13.24 16.50
N PHE A 132 10.96 12.40 16.30
CA PHE A 132 11.74 11.93 17.45
C PHE A 132 12.91 12.91 17.60
N LEU A 133 12.97 13.59 18.72
CA LEU A 133 14.08 14.50 18.96
C LEU A 133 15.28 13.68 19.43
N LEU A 134 16.35 13.71 18.68
CA LEU A 134 17.47 12.81 18.95
C LEU A 134 18.76 13.58 18.98
N ARG A 135 19.59 13.25 19.96
N ARG A 135 19.61 13.25 19.94
CA ARG A 135 20.96 13.74 19.98
CA ARG A 135 20.93 13.87 20.07
C ARG A 135 21.70 13.21 18.78
C ARG A 135 21.91 13.24 19.06
N GLN A 136 22.50 14.09 18.21
CA GLN A 136 23.38 13.74 17.09
C GLN A 136 24.24 12.48 17.16
N GLY A 137 24.90 12.26 18.28
CA GLY A 137 25.80 11.10 18.34
C GLY A 137 25.15 9.80 18.78
N ASP A 138 23.82 9.82 19.00
CA ASP A 138 23.11 8.69 19.62
C ASP A 138 22.77 7.56 18.61
N SER A 139 23.80 6.86 18.13
CA SER A 139 23.61 5.89 17.06
C SER A 139 22.72 4.67 17.41
N ASP A 140 22.82 4.16 18.64
CA ASP A 140 22.01 3.00 19.07
C ASP A 140 20.53 3.41 19.04
N GLN A 142 19.28 5.87 17.24
CA GLN A 142 18.94 6.10 15.85
C GLN A 142 18.51 4.79 15.17
N THR A 143 19.27 3.71 15.40
CA THR A 143 18.92 2.40 14.83
C THR A 143 17.54 1.95 15.29
N VAL A 144 17.28 2.07 16.60
CA VAL A 144 15.96 1.74 17.16
C VAL A 144 14.85 2.52 16.50
N LEU A 145 15.05 3.82 16.35
CA LEU A 145 13.97 4.65 15.87
C LEU A 145 13.76 4.47 14.37
N GLU A 146 14.83 4.19 13.61
CA GLU A 146 14.69 3.83 12.20
C GLU A 146 13.79 2.60 11.96
N ILE A 147 13.97 1.56 12.79
CA ILE A 147 13.09 0.39 12.75
C ILE A 147 11.64 0.77 13.10
N TYR A 148 11.48 1.45 14.24
CA TYR A 148 10.19 1.88 14.72
C TYR A 148 9.42 2.74 13.71
N THR A 149 10.14 3.63 13.03
CA THR A 149 9.56 4.51 12.01
C THR A 149 8.86 3.69 10.91
N ARG A 150 9.49 2.60 10.50
CA ARG A 150 8.91 1.77 9.45
C ARG A 150 7.61 1.11 9.88
N ALA A 151 7.54 0.71 11.15
CA ALA A 151 6.29 0.18 11.71
C ALA A 151 5.22 1.26 11.74
N LEU A 152 5.57 2.47 12.16
CA LEU A 152 4.58 3.54 12.25
C LEU A 152 4.08 3.95 10.86
N GLU A 153 4.94 3.80 9.86
CA GLU A 153 4.52 4.04 8.48
C GLU A 153 3.36 3.15 8.06
N ARG A 154 3.30 1.94 8.60
CA ARG A 154 2.21 1.04 8.28
C ARG A 154 0.87 1.50 8.88
N LEU A 155 0.93 2.44 9.80
CA LEU A 155 -0.27 2.99 10.41
C LEU A 155 -0.66 4.30 9.73
N GLY A 156 0.13 4.71 8.75
CA GLY A 156 -0.10 5.97 8.01
C GLY A 156 0.64 7.15 8.63
N ILE A 157 1.56 6.87 9.57
CA ILE A 157 2.31 7.93 10.28
C ILE A 157 3.74 8.07 9.74
N ALA A 158 3.98 9.17 9.08
CA ALA A 158 5.30 9.45 8.49
C ALA A 158 6.21 10.07 9.53
N ALA A 159 6.61 9.26 10.50
CA ALA A 159 7.45 9.72 11.60
C ALA A 159 8.85 10.10 11.09
N GLN A 160 9.47 11.08 11.75
CA GLN A 160 10.70 11.67 11.28
C GLN A 160 11.66 11.66 12.46
N ILE A 161 12.92 11.31 12.26
CA ILE A 161 13.94 11.51 13.30
C ILE A 161 14.51 12.91 13.13
N GLU A 162 14.49 13.73 14.18
CA GLU A 162 15.07 15.07 14.07
C GLU A 162 16.37 15.03 14.88
N LYS A 163 17.48 14.94 14.17
N LYS A 163 17.50 14.88 14.18
CA LYS A 163 18.79 14.82 14.82
CA LYS A 163 18.79 14.83 14.86
C LYS A 163 19.40 16.20 15.06
C LYS A 163 19.26 16.25 15.10
N VAL A 164 19.71 16.53 16.31
CA VAL A 164 20.16 17.88 16.64
C VAL A 164 21.45 17.86 17.43
N ASP A 165 22.19 18.96 17.45
CA ASP A 165 23.44 18.95 18.22
C ASP A 165 23.20 19.07 19.70
N ASN A 166 24.22 18.86 20.50
CA ASN A 166 24.02 18.85 21.94
C ASN A 166 23.45 20.14 22.48
N ALA A 167 23.90 21.29 21.97
CA ALA A 167 23.34 22.57 22.47
C ALA A 167 21.85 22.68 22.15
N GLN A 168 21.46 22.27 20.95
CA GLN A 168 20.04 22.30 20.59
C GLN A 168 19.26 21.28 21.39
N TYR A 169 19.85 20.12 21.63
CA TYR A 169 19.14 19.07 22.38
C TYR A 169 18.81 19.61 23.81
N THR A 170 19.82 20.18 24.46
CA THR A 170 19.64 20.75 25.79
C THR A 170 18.55 21.85 25.79
N ALA A 171 18.62 22.78 24.84
CA ALA A 171 17.62 23.82 24.73
C ALA A 171 16.19 23.27 24.54
N ARG A 172 16.05 22.36 23.59
CA ARG A 172 14.73 21.84 23.22
C ARG A 172 14.10 21.06 24.36
N VAL A 173 14.88 20.26 25.05
CA VAL A 173 14.34 19.48 26.18
C VAL A 173 13.97 20.38 27.32
N ALA A 174 14.84 21.37 27.61
CA ALA A 174 14.51 22.33 28.67
C ALA A 174 13.22 23.09 28.40
N GLU A 175 12.99 23.45 27.13
CA GLU A 175 11.77 24.18 26.78
C GLU A 175 10.56 23.25 26.50
N LEU A 176 10.72 21.94 26.70
CA LEU A 176 9.68 20.96 26.43
C LEU A 176 9.16 21.02 24.98
N ASP A 177 10.09 21.28 24.09
CA ASP A 177 9.77 21.43 22.65
C ASP A 177 10.12 20.16 21.89
N PHE A 178 9.29 19.12 22.07
CA PHE A 178 9.49 17.85 21.37
C PHE A 178 8.17 17.06 21.44
N ASP A 179 8.09 16.03 20.60
CA ASP A 179 6.97 15.07 20.59
C ASP A 179 7.39 13.86 21.44
N LEU A 180 8.40 13.14 20.95
CA LEU A 180 9.01 12.03 21.66
C LEU A 180 10.51 12.28 21.68
N THR A 181 11.16 11.83 22.74
CA THR A 181 12.65 11.88 22.78
C THR A 181 13.18 10.73 23.66
N PRO A 182 14.40 10.27 23.41
CA PRO A 182 15.02 9.30 24.35
C PRO A 182 15.13 9.86 25.78
N PHE A 183 15.00 8.97 26.76
CA PHE A 183 14.76 9.35 28.13
C PHE A 183 15.37 8.30 29.03
N ARG A 184 15.96 8.75 30.14
CA ARG A 184 16.43 7.87 31.20
C ARG A 184 16.11 8.57 32.51
N ARG A 185 15.47 7.84 33.41
CA ARG A 185 15.36 8.32 34.76
C ARG A 185 15.87 7.25 35.70
N ASP A 186 16.91 7.58 36.45
CA ASP A 186 17.50 6.67 37.42
C ASP A 186 16.71 6.82 38.71
N LEU A 187 16.33 5.70 39.34
CA LEU A 187 15.46 5.71 40.52
C LEU A 187 16.09 4.90 41.64
N SER A 188 15.86 5.37 42.85
CA SER A 188 16.43 4.80 44.07
C SER A 188 15.52 3.70 44.59
N LEU A 189 16.09 2.74 45.31
CA LEU A 189 15.28 1.81 46.12
C LEU A 189 14.70 2.47 47.38
N SER A 190 15.13 3.71 47.68
N SER A 190 15.11 3.72 47.64
CA SER A 190 14.50 4.49 48.76
CA SER A 190 14.54 4.49 48.74
C SER A 190 13.95 5.80 48.17
C SER A 190 13.96 5.80 48.17
N PRO A 191 12.93 5.70 47.30
CA PRO A 191 12.42 6.93 46.72
C PRO A 191 11.86 7.88 47.78
N GLY A 192 12.08 9.16 47.56
CA GLY A 192 11.71 10.19 48.53
C GLY A 192 11.05 11.38 47.84
N ASN A 193 11.31 12.57 48.34
CA ASN A 193 10.67 13.82 47.89
C ASN A 193 10.87 14.12 46.40
N GLU A 194 12.01 13.66 45.87
CA GLU A 194 12.33 13.88 44.46
C GLU A 194 11.27 13.31 43.52
N GLN A 195 10.50 12.32 43.97
CA GLN A 195 9.44 11.75 43.10
C GLN A 195 8.44 12.82 42.64
N ARG A 196 8.18 13.81 43.50
CA ARG A 196 7.33 14.93 43.08
C ARG A 196 7.93 15.70 41.89
N LEU A 197 9.26 15.75 41.79
CA LEU A 197 9.96 16.48 40.73
C LEU A 197 9.91 15.68 39.45
N TYR A 198 9.84 14.37 39.59
CA TYR A 198 9.86 13.49 38.41
C TYR A 198 8.48 13.33 37.79
N TRP A 199 7.44 13.22 38.61
CA TRP A 199 6.12 12.82 38.08
C TRP A 199 4.97 13.64 38.64
N GLY A 200 5.27 14.55 39.55
CA GLY A 200 4.23 15.28 40.26
C GLY A 200 3.60 16.33 39.39
N SER A 201 2.31 16.60 39.63
N SER A 201 2.31 16.60 39.62
CA SER A 201 1.56 17.56 38.83
CA SER A 201 1.58 17.57 38.79
C SER A 201 2.18 18.97 38.76
C SER A 201 2.23 18.96 38.74
N HIS A 202 2.74 19.42 39.88
CA HIS A 202 3.32 20.77 39.95
C HIS A 202 4.57 20.91 39.08
N SER A 203 5.25 19.80 38.84
CA SER A 203 6.43 19.84 37.96
C SER A 203 6.10 19.74 36.45
N ALA A 204 4.86 19.37 36.11
N ALA A 204 4.84 19.39 36.12
CA ALA A 204 4.49 19.06 34.73
CA ALA A 204 4.41 19.28 34.73
C ALA A 204 4.72 20.23 33.78
C ALA A 204 4.38 20.65 34.08
N GLY A 205 4.30 21.42 34.19
N GLY A 205 5.01 20.75 32.91
CA GLY A 205 4.32 22.58 33.29
CA GLY A 205 5.16 22.04 32.24
C GLY A 205 5.60 23.40 33.24
C GLY A 205 6.18 23.02 32.80
N GLN A 206 6.61 23.01 33.99
N GLN A 206 6.89 22.69 33.88
CA GLN A 206 7.69 23.93 34.31
CA GLN A 206 7.89 23.66 34.38
C GLN A 206 8.96 23.71 33.50
C GLN A 206 9.03 23.63 33.39
N PRO A 207 9.51 24.81 32.93
CA PRO A 207 10.71 24.75 32.10
C PRO A 207 11.83 24.04 32.85
N GLY A 208 12.53 23.13 32.20
CA GLY A 208 13.65 22.48 32.88
C GLY A 208 13.23 21.25 33.68
N THR A 209 11.92 21.05 33.84
CA THR A 209 11.44 19.92 34.61
C THR A 209 12.04 18.55 34.25
N ARG A 210 12.17 17.70 35.26
CA ARG A 210 12.47 16.29 35.02
C ARG A 210 11.26 15.51 34.52
N ASN A 211 10.07 16.07 34.72
CA ASN A 211 8.80 15.46 34.33
C ASN A 211 8.59 15.74 32.82
N LEU A 212 9.41 15.11 32.00
CA LEU A 212 9.37 15.38 30.54
C LEU A 212 8.05 14.96 29.90
N GLY A 214 5.15 15.22 31.26
CA GLY A 214 4.03 16.08 31.71
C GLY A 214 2.97 15.31 32.47
N ALA A 215 3.37 14.27 33.20
CA ALA A 215 2.43 13.52 34.05
C ALA A 215 1.83 14.47 35.08
N ALA A 216 0.51 14.44 35.21
CA ALA A 216 -0.17 15.31 36.16
C ALA A 216 -1.48 14.62 36.53
N SER A 217 -1.49 13.92 37.66
CA SER A 217 -2.65 13.15 38.04
C SER A 217 -2.79 13.22 39.55
N PRO A 218 -4.02 13.44 40.07
CA PRO A 218 -4.23 13.35 41.50
C PRO A 218 -3.80 12.02 42.10
N ALA A 219 -3.95 10.91 41.34
CA ALA A 219 -3.61 9.56 41.82
C ALA A 219 -2.11 9.44 41.99
N ILE A 220 -1.33 9.95 41.03
CA ILE A 220 0.14 9.94 41.17
C ILE A 220 0.56 10.78 42.39
N ASP A 221 0.03 11.99 42.49
CA ASP A 221 0.34 12.90 43.59
C ASP A 221 -0.04 12.25 44.92
N ALA A 222 -1.17 11.55 44.96
CA ALA A 222 -1.58 10.92 46.21
C ALA A 222 -0.72 9.73 46.58
N ILE A 224 2.43 9.30 45.82
CA ILE A 224 3.66 9.89 46.38
C ILE A 224 3.44 10.36 47.82
N ASP A 225 2.33 11.05 48.08
CA ASP A 225 2.04 11.45 49.45
C ASP A 225 1.99 10.25 50.38
N ARG A 226 1.35 9.18 49.94
N ARG A 226 1.34 9.18 49.96
CA ARG A 226 1.19 7.97 50.78
CA ARG A 226 1.21 8.00 50.82
C ARG A 226 2.56 7.30 51.03
C ARG A 226 2.57 7.30 51.03
N LEU A 228 5.52 8.75 51.13
CA LEU A 228 6.30 9.60 52.04
C LEU A 228 5.76 9.58 53.47
N ALA A 229 4.45 9.37 53.59
CA ALA A 229 3.77 9.35 54.87
C ALA A 229 3.77 7.98 55.56
N ALA A 230 4.07 6.92 54.80
CA ALA A 230 3.91 5.54 55.30
C ALA A 230 4.75 5.32 56.56
N THR A 231 4.18 4.63 57.54
CA THR A 231 4.85 4.36 58.82
C THR A 231 5.09 2.84 59.00
N THR A 232 4.68 2.03 58.02
CA THR A 232 4.94 0.59 58.05
C THR A 232 5.50 0.11 56.72
N GLU A 233 6.15 -1.05 56.75
CA GLU A 233 6.70 -1.65 55.55
C GLU A 233 5.62 -2.04 54.57
N ASP A 234 4.56 -2.68 55.08
CA ASP A 234 3.41 -3.08 54.27
C ASP A 234 2.87 -1.86 53.50
N GLU A 235 2.68 -0.76 54.23
CA GLU A 235 2.13 0.47 53.66
C GLU A 235 3.07 1.11 52.63
N LEU A 236 4.36 1.17 52.95
CA LEU A 236 5.35 1.75 52.04
C LEU A 236 5.41 0.97 50.73
N THR A 237 5.52 -0.35 50.83
CA THR A 237 5.51 -1.20 49.64
C THR A 237 4.21 -1.02 48.85
N ALA A 238 3.06 -1.01 49.53
CA ALA A 238 1.77 -0.88 48.83
C ALA A 238 1.70 0.44 48.07
N ALA A 239 2.05 1.55 48.73
CA ALA A 239 2.03 2.87 48.07
C ALA A 239 3.02 2.97 46.87
N THR A 240 4.21 2.40 47.03
CA THR A 240 5.23 2.46 45.99
C THR A 240 4.80 1.65 44.76
N ARG A 241 4.25 0.48 45.02
CA ARG A 241 3.73 -0.34 43.93
C ARG A 241 2.57 0.30 43.23
N ALA A 242 1.68 0.92 44.00
CA ALA A 242 0.57 1.68 43.43
C ALA A 242 1.09 2.82 42.53
N LEU A 243 2.08 3.59 43.00
CA LEU A 243 2.72 4.57 42.12
C LEU A 243 3.27 3.94 40.84
N ASP A 244 4.01 2.84 41.00
CA ASP A 244 4.57 2.15 39.83
C ASP A 244 3.43 1.76 38.86
N ARG A 245 2.32 1.25 39.40
CA ARG A 245 1.21 0.80 38.58
C ARG A 245 0.60 1.97 37.78
N VAL A 246 0.37 3.10 38.46
CA VAL A 246 -0.24 4.28 37.83
C VAL A 246 0.67 4.95 36.81
N LEU A 247 1.96 5.01 37.11
CA LEU A 247 2.90 5.62 36.17
C LEU A 247 2.98 4.76 34.91
N THR A 248 3.07 3.44 35.10
CA THR A 248 3.14 2.50 33.96
C THR A 248 1.88 2.57 33.11
N ALA A 249 0.70 2.60 33.75
CA ALA A 249 -0.54 2.65 32.97
C ALA A 249 -0.75 3.99 32.31
N GLY A 250 0.01 5.00 32.73
CA GLY A 250 -0.11 6.32 32.11
C GLY A 250 0.48 6.32 30.69
N ARG A 251 1.25 5.30 30.35
CA ARG A 251 1.70 5.12 28.94
C ARG A 251 2.53 6.33 28.52
N TYR A 252 3.44 6.73 29.43
CA TYR A 252 4.21 7.96 29.19
C TYR A 252 5.51 7.74 28.46
N VAL A 253 6.01 6.52 28.55
CA VAL A 253 7.30 6.18 27.98
C VAL A 253 7.14 4.85 27.24
N ILE A 254 7.77 4.75 26.09
CA ILE A 254 7.93 3.47 25.42
C ILE A 254 9.23 2.84 25.92
N PRO A 255 9.13 1.81 26.76
CA PRO A 255 10.33 1.32 27.38
C PRO A 255 11.19 0.47 26.48
N ILE A 256 12.49 0.58 26.70
CA ILE A 256 13.42 -0.36 26.08
C ILE A 256 14.17 -1.14 27.18
N TRP A 257 15.38 -1.59 26.87
CA TRP A 257 16.28 -2.23 27.85
C TRP A 257 16.96 -1.13 28.68
N ARG A 258 17.63 -1.54 29.76
CA ARG A 258 18.41 -0.63 30.61
C ARG A 258 19.76 -0.24 30.00
N ASN B 2 -7.67 -10.02 14.18
CA ASN B 2 -8.07 -11.45 14.39
C ASN B 2 -8.45 -12.14 13.07
N ALA B 3 -8.41 -13.48 13.05
CA ALA B 3 -8.73 -14.30 11.88
C ALA B 3 -9.21 -15.69 12.34
N GLY B 4 -9.75 -16.44 11.38
CA GLY B 4 -10.14 -17.83 11.60
C GLY B 4 -11.41 -18.16 10.84
N THR B 6 -15.38 -19.87 11.13
CA THR B 6 -16.53 -20.26 11.96
C THR B 6 -17.60 -20.70 10.98
N GLY B 7 -18.26 -21.83 11.26
CA GLY B 7 -19.33 -22.29 10.37
C GLY B 7 -19.67 -23.75 10.69
N PHE B 8 -20.12 -24.48 9.68
CA PHE B 8 -20.38 -25.93 9.81
C PHE B 8 -19.29 -26.70 9.06
N VAL B 9 -18.51 -27.46 9.85
CA VAL B 9 -17.43 -28.28 9.25
C VAL B 9 -18.04 -29.57 8.69
N ILE B 10 -17.54 -29.99 7.53
CA ILE B 10 -18.04 -31.17 6.87
C ILE B 10 -16.98 -32.24 7.07
N ASN B 11 -17.41 -33.42 7.50
CA ASN B 11 -16.46 -34.53 7.69
C ASN B 11 -16.13 -35.18 6.34
N THR B 12 -15.03 -34.76 5.70
CA THR B 12 -14.71 -35.32 4.35
C THR B 12 -14.22 -36.79 4.37
N ARG B 13 -14.06 -37.39 5.55
CA ARG B 13 -13.64 -38.78 5.61
C ARG B 13 -14.83 -39.70 5.39
N ARG B 14 -16.03 -39.16 5.49
CA ARG B 14 -17.23 -39.99 5.42
C ARG B 14 -17.91 -39.82 4.05
N ALA B 15 -17.87 -40.88 3.25
CA ALA B 15 -18.54 -40.87 1.96
C ALA B 15 -20.03 -40.56 2.20
N PRO B 16 -20.66 -39.76 1.32
CA PRO B 16 -20.07 -39.19 0.11
C PRO B 16 -19.59 -37.76 0.30
N PHE B 17 -19.41 -37.33 1.55
CA PHE B 17 -18.88 -35.97 1.82
C PHE B 17 -17.44 -35.77 1.37
N ASP B 18 -16.79 -36.87 0.95
CA ASP B 18 -15.45 -36.79 0.38
C ASP B 18 -15.43 -36.18 -1.04
N ASP B 19 -16.59 -36.12 -1.67
CA ASP B 19 -16.70 -35.57 -3.03
C ASP B 19 -16.90 -34.04 -2.94
N TRP B 20 -15.92 -33.28 -3.44
CA TRP B 20 -16.01 -31.82 -3.41
C TRP B 20 -17.27 -31.29 -4.06
N ARG B 21 -17.86 -32.07 -4.96
N ARG B 21 -17.87 -32.08 -4.94
CA ARG B 21 -19.08 -31.64 -5.65
CA ARG B 21 -19.08 -31.64 -5.65
C ARG B 21 -20.28 -31.61 -4.73
C ARG B 21 -20.33 -31.68 -4.79
N LEU B 22 -20.38 -32.60 -3.84
CA LEU B 22 -21.44 -32.61 -2.83
C LEU B 22 -21.19 -31.42 -1.90
N ARG B 23 -19.92 -31.19 -1.52
CA ARG B 23 -19.63 -30.06 -0.64
C ARG B 23 -19.98 -28.73 -1.33
N GLU B 24 -19.69 -28.63 -2.63
CA GLU B 24 -20.09 -27.44 -3.38
C GLU B 24 -21.61 -27.28 -3.37
N ALA B 25 -22.35 -28.38 -3.56
CA ALA B 25 -23.81 -28.26 -3.51
C ALA B 25 -24.30 -27.76 -2.15
N LEU B 26 -23.73 -28.29 -1.07
CA LEU B 26 -24.11 -27.85 0.28
C LEU B 26 -23.82 -26.37 0.46
N LEU B 27 -22.68 -25.89 -0.04
CA LEU B 27 -22.36 -24.46 0.06
C LEU B 27 -23.34 -23.60 -0.75
N LEU B 28 -23.66 -24.06 -1.95
CA LEU B 28 -24.59 -23.32 -2.81
C LEU B 28 -25.97 -23.20 -2.19
N ALA B 29 -26.40 -24.23 -1.45
CA ALA B 29 -27.73 -24.22 -0.84
C ALA B 29 -27.85 -23.40 0.42
N PHE B 30 -26.70 -23.04 1.01
CA PHE B 30 -26.65 -22.27 2.21
C PHE B 30 -26.75 -20.80 1.86
N ASN B 31 -27.94 -20.23 2.07
CA ASN B 31 -28.19 -18.86 1.71
C ASN B 31 -27.71 -17.89 2.80
N PHE B 32 -26.43 -17.53 2.76
CA PHE B 32 -25.86 -16.75 3.82
C PHE B 32 -26.55 -15.39 3.99
N GLU B 33 -26.81 -14.73 2.87
CA GLU B 33 -27.34 -13.38 2.90
C GLU B 33 -28.73 -13.35 3.55
N PHE B 34 -29.58 -14.33 3.21
CA PHE B 34 -30.90 -14.43 3.85
C PHE B 34 -30.77 -14.73 5.34
N ILE B 35 -29.91 -15.70 5.66
CA ILE B 35 -29.73 -16.14 7.05
C ILE B 35 -29.13 -15.00 7.89
N ASN B 36 -28.13 -14.34 7.33
CA ASN B 36 -27.49 -13.22 8.04
C ASN B 36 -28.42 -12.03 8.23
N ASP B 37 -29.22 -11.71 7.22
CA ASP B 37 -30.16 -10.58 7.32
C ASP B 37 -31.19 -10.88 8.41
N THR B 38 -31.63 -12.13 8.43
CA THR B 38 -32.59 -12.59 9.43
C THR B 38 -32.01 -12.57 10.84
N VAL B 39 -30.82 -13.11 11.00
CA VAL B 39 -30.26 -13.33 12.34
C VAL B 39 -29.50 -12.11 12.85
N THR B 40 -28.67 -11.49 12.02
CA THR B 40 -27.91 -10.33 12.52
C THR B 40 -28.38 -8.99 12.01
N GLY B 41 -29.41 -8.97 11.18
CA GLY B 41 -29.83 -7.74 10.51
C GLY B 41 -28.85 -7.37 9.41
N GLY B 42 -28.00 -8.33 9.01
CA GLY B 42 -27.07 -8.11 7.94
C GLY B 42 -25.85 -7.27 8.31
N VAL B 43 -25.66 -7.04 9.60
CA VAL B 43 -24.54 -6.20 10.05
C VAL B 43 -23.21 -6.96 9.97
N PRO B 45 -20.30 -9.24 8.65
CA PRO B 45 -19.90 -9.73 7.32
C PRO B 45 -19.58 -11.24 7.32
N ARG B 46 -19.70 -11.90 6.17
CA ARG B 46 -19.37 -13.30 6.11
C ARG B 46 -17.86 -13.45 6.19
N ILE B 47 -17.42 -14.55 6.77
CA ILE B 47 -16.01 -14.90 6.73
C ILE B 47 -15.80 -15.46 5.33
N THR B 48 -14.93 -14.83 4.55
CA THR B 48 -14.81 -15.22 3.13
C THR B 48 -13.62 -16.18 2.85
N SER B 49 -12.75 -16.33 3.84
CA SER B 49 -11.65 -17.27 3.78
C SER B 49 -11.12 -17.43 5.19
N TYR B 50 -10.15 -18.31 5.38
CA TYR B 50 -9.63 -18.58 6.71
C TYR B 50 -8.86 -17.38 7.28
N PHE B 51 -8.19 -16.63 6.43
CA PHE B 51 -7.49 -15.43 6.89
C PHE B 51 -8.18 -14.17 6.40
N SER B 52 -9.49 -14.25 6.14
CA SER B 52 -10.22 -13.06 5.68
C SER B 52 -10.13 -11.84 6.63
N GLY B 53 -10.16 -10.65 6.03
CA GLY B 53 -10.12 -9.37 6.73
C GLY B 53 -8.70 -9.00 7.14
N THR B 54 -7.72 -9.70 6.57
CA THR B 54 -6.31 -9.45 6.82
C THR B 54 -5.53 -9.52 5.50
N ASP B 55 -4.28 -9.05 5.56
N ASP B 55 -4.29 -9.03 5.50
CA ASP B 55 -3.37 -9.07 4.41
CA ASP B 55 -3.49 -9.11 4.27
C ASP B 55 -2.88 -10.47 4.07
C ASP B 55 -2.87 -10.48 4.06
N LEU B 56 -3.17 -11.44 4.94
CA LEU B 56 -2.81 -12.85 4.67
C LEU B 56 -3.89 -13.59 3.85
N ALA B 57 -5.04 -12.95 3.67
CA ALA B 57 -6.13 -13.52 2.84
C ALA B 57 -5.69 -13.57 1.37
N TYR B 58 -6.10 -14.62 0.66
CA TYR B 58 -5.78 -14.63 -0.77
C TYR B 58 -6.62 -13.55 -1.46
N ARG B 59 -6.16 -13.07 -2.61
CA ARG B 59 -6.79 -11.96 -3.32
C ARG B 59 -7.68 -12.45 -4.44
N PRO B 60 -8.62 -11.59 -4.91
CA PRO B 60 -9.54 -11.99 -5.99
C PRO B 60 -8.82 -12.33 -7.29
N GLY B 61 -9.51 -13.07 -8.15
CA GLY B 61 -9.05 -13.31 -9.52
C GLY B 61 -8.09 -14.48 -9.64
N THR B 62 -7.52 -14.63 -10.82
CA THR B 62 -6.56 -15.73 -11.09
C THR B 62 -5.39 -15.63 -10.12
N ALA B 63 -4.96 -16.77 -9.58
CA ALA B 63 -3.76 -16.77 -8.76
C ALA B 63 -2.64 -16.23 -9.66
N SER B 64 -1.81 -15.36 -9.12
CA SER B 64 -0.79 -14.71 -9.91
C SER B 64 0.52 -14.62 -9.16
N GLY B 65 1.58 -14.21 -9.86
CA GLY B 65 2.90 -13.92 -9.25
C GLY B 65 3.44 -15.10 -8.45
N ARG B 66 4.05 -14.82 -7.29
CA ARG B 66 4.68 -15.86 -6.49
C ARG B 66 3.70 -16.93 -6.01
N GLU B 67 2.51 -16.49 -5.63
CA GLU B 67 1.47 -17.43 -5.18
C GLU B 67 1.18 -18.47 -6.28
N ALA B 68 1.04 -18.00 -7.52
CA ALA B 68 0.82 -18.91 -8.66
C ALA B 68 2.00 -19.88 -8.82
N GLU B 69 3.22 -19.37 -8.66
CA GLU B 69 4.43 -20.22 -8.77
C GLU B 69 4.41 -21.33 -7.71
N LEU B 70 3.94 -21.00 -6.52
CA LEU B 70 3.92 -21.97 -5.42
C LEU B 70 2.87 -23.04 -5.64
N LEU B 71 1.71 -22.66 -6.20
CA LEU B 71 0.58 -23.58 -6.36
C LEU B 71 0.63 -24.39 -7.66
N ALA B 72 1.37 -23.90 -8.65
CA ALA B 72 1.34 -24.51 -9.99
C ALA B 72 1.59 -26.03 -9.98
N PRO B 73 2.56 -26.49 -9.16
CA PRO B 73 2.87 -27.93 -9.15
C PRO B 73 1.73 -28.82 -8.65
N PHE B 74 0.75 -28.22 -7.99
CA PHE B 74 -0.40 -28.90 -7.41
C PHE B 74 -1.68 -28.73 -8.21
N ALA B 75 -1.59 -28.07 -9.36
CA ALA B 75 -2.78 -27.65 -10.16
C ALA B 75 -3.75 -28.79 -10.45
N ALA B 76 -3.22 -29.93 -10.85
CA ALA B 76 -4.09 -31.08 -11.14
C ALA B 76 -4.81 -31.65 -9.91
N ASP B 77 -4.22 -31.45 -8.73
CA ASP B 77 -4.70 -31.98 -7.44
C ASP B 77 -5.77 -31.06 -6.85
N LEU B 78 -5.70 -29.79 -7.19
CA LEU B 78 -6.49 -28.75 -6.53
C LEU B 78 -7.93 -28.89 -6.91
N PRO B 79 -8.83 -28.59 -5.96
CA PRO B 79 -10.22 -28.63 -6.39
C PRO B 79 -10.37 -27.62 -7.52
N PRO B 80 -11.10 -27.99 -8.58
CA PRO B 80 -11.11 -27.09 -9.73
C PRO B 80 -11.67 -25.70 -9.39
N GLY B 81 -11.42 -24.75 -10.29
CA GLY B 81 -11.60 -23.35 -9.94
C GLY B 81 -10.63 -22.76 -8.92
N THR B 82 -9.71 -23.55 -8.35
CA THR B 82 -8.82 -23.01 -7.32
C THR B 82 -7.93 -21.91 -7.91
N LEU B 83 -7.23 -22.21 -9.00
CA LEU B 83 -6.27 -21.24 -9.53
C LEU B 83 -6.98 -20.14 -10.29
N GLU B 84 -8.15 -20.45 -10.82
CA GLU B 84 -8.95 -19.49 -11.57
C GLU B 84 -9.56 -18.43 -10.68
N GLY B 85 -9.71 -18.75 -9.40
CA GLY B 85 -10.27 -17.79 -8.48
C GLY B 85 -11.61 -18.25 -7.95
N TYR B 86 -11.62 -18.80 -6.75
CA TYR B 86 -12.83 -19.31 -6.14
C TYR B 86 -13.36 -18.30 -5.13
N ALA B 87 -14.68 -18.15 -5.08
CA ALA B 87 -15.29 -17.34 -4.02
C ALA B 87 -16.56 -18.03 -3.55
N LEU B 88 -16.90 -17.82 -2.29
CA LEU B 88 -18.13 -18.37 -1.72
C LEU B 88 -19.38 -17.92 -2.51
N PRO B 89 -20.40 -18.79 -2.60
CA PRO B 89 -21.62 -18.39 -3.31
C PRO B 89 -22.32 -17.27 -2.58
N GLN B 90 -22.94 -16.38 -3.34
CA GLN B 90 -23.84 -15.36 -2.81
C GLN B 90 -25.27 -15.55 -3.35
N GLY B 91 -26.24 -15.52 -2.42
CA GLY B 91 -27.65 -15.79 -2.69
C GLY B 91 -28.28 -14.59 -3.37
N ASP B 92 -29.52 -14.78 -3.86
N ASP B 92 -29.48 -14.76 -3.94
CA ASP B 92 -30.20 -13.78 -4.70
CA ASP B 92 -30.08 -13.64 -4.70
C ASP B 92 -31.10 -12.78 -3.96
C ASP B 92 -31.13 -12.80 -3.96
N GLY B 93 -31.10 -12.84 -2.64
CA GLY B 93 -31.93 -11.92 -1.82
C GLY B 93 -33.33 -12.45 -1.55
N THR B 94 -33.56 -13.72 -1.89
CA THR B 94 -34.82 -14.41 -1.62
C THR B 94 -34.51 -15.75 -0.99
N ALA B 95 -35.51 -16.34 -0.34
CA ALA B 95 -35.38 -17.67 0.26
C ALA B 95 -35.44 -18.80 -0.76
N ARG B 96 -36.10 -18.58 -1.91
CA ARG B 96 -36.05 -19.57 -2.98
C ARG B 96 -34.61 -19.73 -3.49
N ASN B 97 -33.87 -18.63 -3.60
CA ASN B 97 -32.46 -18.68 -4.02
C ASN B 97 -32.22 -19.54 -5.27
N ARG B 98 -33.02 -19.30 -6.30
CA ARG B 98 -33.19 -20.28 -7.39
C ARG B 98 -31.91 -20.65 -8.13
N THR B 99 -31.15 -19.66 -8.59
CA THR B 99 -30.02 -19.94 -9.46
C THR B 99 -29.04 -20.86 -8.73
N ASN B 100 -28.69 -20.49 -7.50
CA ASN B 100 -27.78 -21.30 -6.69
C ASN B 100 -28.32 -22.66 -6.38
N LEU B 101 -29.61 -22.76 -6.07
CA LEU B 101 -30.22 -24.07 -5.82
C LEU B 101 -30.19 -24.98 -7.04
N ARG B 102 -30.44 -24.41 -8.22
CA ARG B 102 -30.39 -25.23 -9.47
C ARG B 102 -28.95 -25.66 -9.77
N ARG B 103 -27.99 -24.78 -9.47
N ARG B 103 -28.00 -24.77 -9.47
CA ARG B 103 -26.58 -25.14 -9.65
CA ARG B 103 -26.59 -25.09 -9.62
C ARG B 103 -26.18 -26.25 -8.67
C ARG B 103 -26.19 -26.23 -8.67
N ALA B 104 -26.69 -26.19 -7.44
CA ALA B 104 -26.43 -27.27 -6.44
C ALA B 104 -26.96 -28.60 -6.98
N ALA B 105 -28.21 -28.59 -7.48
CA ALA B 105 -28.83 -29.80 -8.06
C ALA B 105 -27.98 -30.36 -9.20
N GLN B 106 -27.44 -29.47 -10.03
CA GLN B 106 -26.59 -29.87 -11.15
C GLN B 106 -25.29 -30.51 -10.63
N PHE B 107 -24.68 -29.93 -9.59
CA PHE B 107 -23.46 -30.56 -9.04
C PHE B 107 -23.77 -31.94 -8.48
N LEU B 108 -24.93 -32.09 -7.85
CA LEU B 108 -25.30 -33.39 -7.30
C LEU B 108 -25.49 -34.42 -8.44
N GLU B 109 -26.13 -33.98 -9.52
N GLU B 109 -26.12 -33.99 -9.53
CA GLU B 109 -26.32 -34.82 -10.72
CA GLU B 109 -26.31 -34.86 -10.71
C GLU B 109 -24.98 -35.27 -11.31
C GLU B 109 -24.96 -35.29 -11.30
N GLN B 110 -24.02 -34.35 -11.40
CA GLN B 110 -22.67 -34.67 -11.93
C GLN B 110 -22.02 -35.72 -11.07
N ALA B 111 -22.22 -35.60 -9.77
CA ALA B 111 -21.59 -36.47 -8.82
C ALA B 111 -22.29 -37.84 -8.70
N GLY B 112 -23.33 -38.04 -9.51
CA GLY B 112 -24.03 -39.33 -9.54
C GLY B 112 -25.20 -39.48 -8.58
N PHE B 113 -25.58 -38.41 -7.90
CA PHE B 113 -26.78 -38.45 -7.05
C PHE B 113 -28.01 -38.37 -7.95
N ARG B 114 -29.11 -38.97 -7.50
CA ARG B 114 -30.33 -39.06 -8.28
C ARG B 114 -31.54 -38.84 -7.38
N ILE B 115 -32.53 -38.14 -7.88
CA ILE B 115 -33.78 -38.00 -7.13
C ILE B 115 -34.79 -39.10 -7.55
N GLU B 116 -35.32 -39.81 -6.54
CA GLU B 116 -36.27 -40.91 -6.69
C GLU B 116 -37.19 -41.00 -5.45
N GLN B 117 -38.51 -40.99 -5.66
CA GLN B 117 -39.49 -41.18 -4.56
C GLN B 117 -39.34 -40.14 -3.43
N GLY B 118 -39.13 -38.89 -3.86
CA GLY B 118 -38.89 -37.76 -2.97
C GLY B 118 -37.41 -37.45 -2.88
N GLN B 119 -36.65 -38.42 -2.36
CA GLN B 119 -35.34 -38.24 -1.78
C GLN B 119 -34.19 -38.35 -2.77
N LEU B 120 -33.12 -37.63 -2.45
CA LEU B 120 -31.88 -37.76 -3.17
C LEU B 120 -31.16 -39.03 -2.75
N LEU B 121 -30.89 -39.87 -3.75
N LEU B 121 -30.86 -39.88 -3.73
CA LEU B 121 -30.00 -41.00 -3.59
CA LEU B 121 -30.07 -41.11 -3.52
C LEU B 121 -28.54 -40.57 -3.77
C LEU B 121 -28.61 -40.95 -3.99
N GLY B 122 -27.65 -41.28 -3.10
CA GLY B 122 -26.21 -41.15 -3.35
C GLY B 122 -25.79 -42.03 -4.53
N PRO B 123 -24.52 -41.92 -4.99
CA PRO B 123 -24.10 -42.69 -6.16
C PRO B 123 -24.34 -44.18 -5.89
N ASP B 124 -24.14 -44.61 -4.64
CA ASP B 124 -24.39 -46.01 -4.24
C ASP B 124 -25.86 -46.45 -4.15
N GLY B 125 -26.82 -45.60 -4.53
CA GLY B 125 -28.24 -45.98 -4.51
C GLY B 125 -28.97 -45.79 -3.18
N ALA B 126 -28.23 -45.50 -2.12
CA ALA B 126 -28.83 -45.30 -0.80
C ALA B 126 -29.14 -43.81 -0.60
N PRO B 127 -30.17 -43.46 0.21
CA PRO B 127 -30.47 -42.05 0.41
C PRO B 127 -29.33 -41.40 1.17
N LEU B 128 -29.02 -40.17 0.79
CA LEU B 128 -28.00 -39.38 1.47
C LEU B 128 -28.45 -39.10 2.90
N ALA B 129 -27.68 -39.51 3.90
CA ALA B 129 -28.02 -39.18 5.30
C ALA B 129 -27.23 -37.94 5.68
N LEU B 130 -27.92 -36.89 6.14
CA LEU B 130 -27.21 -35.71 6.62
C LEU B 130 -27.69 -35.29 8.01
N ARG B 131 -26.84 -35.47 9.02
CA ARG B 131 -27.17 -35.08 10.39
C ARG B 131 -26.23 -33.96 10.78
N PHE B 132 -26.80 -32.89 11.32
CA PHE B 132 -25.98 -31.85 11.93
C PHE B 132 -25.87 -32.22 13.39
N LEU B 133 -24.66 -32.49 13.85
CA LEU B 133 -24.45 -32.79 15.27
C LEU B 133 -24.38 -31.48 16.06
N LEU B 134 -25.28 -31.29 17.04
CA LEU B 134 -25.41 -30.02 17.73
C LEU B 134 -25.41 -30.27 19.25
N ARG B 135 -24.75 -29.41 20.03
CA ARG B 135 -24.96 -29.43 21.49
C ARG B 135 -26.39 -29.02 21.82
N GLN B 136 -26.98 -29.68 22.81
CA GLN B 136 -28.35 -29.38 23.26
C GLN B 136 -28.64 -27.91 23.52
N GLY B 137 -27.66 -27.17 24.04
CA GLY B 137 -27.89 -25.76 24.41
C GLY B 137 -27.71 -24.72 23.32
N ASP B 138 -27.12 -25.14 22.20
CA ASP B 138 -26.78 -24.25 21.08
C ASP B 138 -27.96 -23.77 20.23
N SER B 139 -28.80 -22.93 20.81
CA SER B 139 -29.99 -22.43 20.13
C SER B 139 -29.63 -21.51 18.96
N ASP B 140 -28.46 -20.85 19.05
CA ASP B 140 -27.97 -19.96 17.98
C ASP B 140 -27.78 -20.73 16.68
N GLN B 142 -29.02 -23.79 16.08
CA GLN B 142 -30.27 -24.48 15.76
C GLN B 142 -31.16 -23.60 14.87
N THR B 143 -31.26 -22.32 15.20
CA THR B 143 -32.00 -21.34 14.36
C THR B 143 -31.45 -21.31 12.93
N VAL B 144 -30.12 -21.22 12.79
CA VAL B 144 -29.49 -21.21 11.47
C VAL B 144 -29.85 -22.50 10.71
N LEU B 145 -29.70 -23.64 11.39
CA LEU B 145 -29.84 -24.91 10.73
C LEU B 145 -31.26 -25.25 10.30
N GLU B 146 -32.25 -24.76 11.05
CA GLU B 146 -33.66 -24.92 10.67
C GLU B 146 -33.94 -24.23 9.34
N ILE B 147 -33.33 -23.07 9.12
CA ILE B 147 -33.46 -22.38 7.84
C ILE B 147 -32.79 -23.19 6.71
N TYR B 148 -31.54 -23.55 6.96
CA TYR B 148 -30.75 -24.24 6.00
C TYR B 148 -31.45 -25.55 5.61
N THR B 149 -32.00 -26.27 6.59
CA THR B 149 -32.76 -27.51 6.34
C THR B 149 -33.87 -27.36 5.28
N ARG B 150 -34.62 -26.26 5.34
N ARG B 150 -34.64 -26.27 5.35
CA ARG B 150 -35.68 -25.96 4.39
CA ARG B 150 -35.68 -26.00 4.34
C ARG B 150 -35.13 -25.86 2.96
C ARG B 150 -35.07 -25.97 2.95
N ALA B 151 -33.93 -25.29 2.81
CA ALA B 151 -33.26 -25.23 1.51
C ALA B 151 -32.79 -26.63 1.05
N LEU B 152 -32.24 -27.43 1.95
CA LEU B 152 -31.82 -28.79 1.58
C LEU B 152 -33.00 -29.66 1.16
N GLU B 153 -34.17 -29.41 1.71
CA GLU B 153 -35.38 -30.11 1.25
C GLU B 153 -35.62 -29.98 -0.25
N ARG B 154 -35.31 -28.79 -0.77
N ARG B 154 -35.33 -28.80 -0.80
CA ARG B 154 -35.53 -28.48 -2.17
CA ARG B 154 -35.57 -28.56 -2.21
C ARG B 154 -34.65 -29.38 -3.06
C ARG B 154 -34.63 -29.36 -3.08
N LEU B 155 -33.52 -29.84 -2.50
CA LEU B 155 -32.61 -30.76 -3.21
C LEU B 155 -32.93 -32.25 -3.01
N GLY B 156 -33.99 -32.54 -2.26
CA GLY B 156 -34.34 -33.93 -1.92
C GLY B 156 -33.57 -34.51 -0.74
N ILE B 157 -32.96 -33.64 0.06
CA ILE B 157 -32.19 -34.08 1.23
C ILE B 157 -32.98 -33.88 2.53
N ALA B 158 -33.19 -34.95 3.30
CA ALA B 158 -33.96 -34.84 4.54
C ALA B 158 -33.06 -34.65 5.78
N ALA B 159 -32.35 -33.53 5.82
CA ALA B 159 -31.39 -33.23 6.90
C ALA B 159 -32.05 -33.27 8.27
N GLN B 160 -31.36 -33.84 9.25
CA GLN B 160 -31.80 -33.91 10.64
C GLN B 160 -30.86 -33.10 11.55
N ILE B 161 -31.40 -32.51 12.61
CA ILE B 161 -30.55 -31.94 13.65
C ILE B 161 -30.50 -32.95 14.77
N GLU B 162 -29.28 -33.35 15.14
CA GLU B 162 -29.08 -34.33 16.19
C GLU B 162 -28.53 -33.57 17.39
N LYS B 163 -29.37 -33.38 18.38
N LYS B 163 -29.37 -33.37 18.39
CA LYS B 163 -28.96 -32.68 19.56
CA LYS B 163 -28.96 -32.61 19.58
C LYS B 163 -28.42 -33.71 20.52
C LYS B 163 -28.51 -33.57 20.69
N VAL B 164 -27.27 -33.43 21.12
CA VAL B 164 -26.68 -34.33 22.12
C VAL B 164 -26.22 -33.51 23.31
N ASP B 165 -26.07 -34.17 24.46
CA ASP B 165 -25.58 -33.46 25.63
C ASP B 165 -24.07 -33.21 25.49
N ASN B 166 -23.48 -32.45 26.38
CA ASN B 166 -22.06 -32.06 26.23
C ASN B 166 -21.10 -33.24 26.33
N ALA B 167 -21.40 -34.20 27.22
CA ALA B 167 -20.59 -35.40 27.34
C ALA B 167 -20.57 -36.14 26.02
N GLN B 168 -21.75 -36.29 25.41
N GLN B 168 -21.74 -36.30 25.39
CA GLN B 168 -21.91 -36.95 24.12
CA GLN B 168 -21.76 -37.02 24.12
C GLN B 168 -21.20 -36.18 23.02
C GLN B 168 -21.19 -36.18 22.97
N TYR B 169 -21.38 -34.86 23.00
CA TYR B 169 -20.77 -34.01 21.98
C TYR B 169 -19.23 -34.17 22.01
N THR B 170 -18.64 -34.10 23.19
CA THR B 170 -17.19 -34.26 23.33
C THR B 170 -16.71 -35.59 22.77
N ALA B 171 -17.41 -36.65 23.13
CA ALA B 171 -17.06 -38.01 22.70
C ALA B 171 -17.17 -38.15 21.17
N ARG B 172 -18.27 -37.65 20.60
CA ARG B 172 -18.56 -37.80 19.17
C ARG B 172 -17.56 -37.03 18.32
N VAL B 173 -17.22 -35.81 18.74
CA VAL B 173 -16.27 -35.00 17.99
C VAL B 173 -14.87 -35.63 18.10
N ALA B 174 -14.48 -36.07 19.30
CA ALA B 174 -13.17 -36.69 19.46
C ALA B 174 -13.04 -37.96 18.59
N GLU B 175 -14.13 -38.69 18.47
CA GLU B 175 -14.11 -39.91 17.63
C GLU B 175 -14.41 -39.65 16.16
N LEU B 176 -14.55 -38.38 15.77
CA LEU B 176 -14.88 -37.99 14.38
C LEU B 176 -16.18 -38.65 13.88
N ASP B 177 -17.16 -38.76 14.79
CA ASP B 177 -18.41 -39.48 14.48
C ASP B 177 -19.50 -38.48 14.20
N PHE B 178 -19.43 -37.85 13.01
CA PHE B 178 -20.41 -36.84 12.65
C PHE B 178 -20.39 -36.63 11.14
N ASP B 179 -21.47 -36.05 10.60
CA ASP B 179 -21.51 -35.58 9.21
C ASP B 179 -21.06 -34.12 9.13
N LEU B 180 -21.83 -33.22 9.74
CA LEU B 180 -21.47 -31.81 9.83
C LEU B 180 -21.71 -31.41 11.28
N THR B 181 -20.96 -30.42 11.77
CA THR B 181 -21.14 -29.94 13.14
C THR B 181 -20.67 -28.49 13.21
N PRO B 182 -21.18 -27.66 14.14
CA PRO B 182 -20.60 -26.33 14.22
C PRO B 182 -19.12 -26.33 14.59
N PHE B 183 -18.42 -25.32 14.09
CA PHE B 183 -16.97 -25.34 14.09
C PHE B 183 -16.48 -23.91 14.25
N ARG B 184 -15.49 -23.72 15.12
N ARG B 184 -15.51 -23.74 15.13
CA ARG B 184 -14.78 -22.43 15.15
CA ARG B 184 -14.73 -22.50 15.22
C ARG B 184 -13.29 -22.67 15.37
C ARG B 184 -13.25 -22.90 15.25
N ARG B 185 -12.45 -22.24 14.43
CA ARG B 185 -11.02 -22.33 14.58
C ARG B 185 -10.42 -20.92 14.56
N ASP B 186 -9.91 -20.46 15.69
CA ASP B 186 -9.26 -19.14 15.71
C ASP B 186 -7.82 -19.26 15.24
N LEU B 187 -7.38 -18.29 14.45
CA LEU B 187 -6.07 -18.38 13.78
C LEU B 187 -5.23 -17.16 14.10
N SER B 188 -3.94 -17.41 14.31
CA SER B 188 -2.94 -16.41 14.61
C SER B 188 -2.56 -15.67 13.32
N LEU B 189 -2.14 -14.41 13.45
CA LEU B 189 -1.57 -13.65 12.31
C LEU B 189 -0.03 -13.79 12.27
N SER B 190 0.51 -14.69 13.11
CA SER B 190 1.88 -15.22 12.94
C SER B 190 1.76 -16.78 12.96
N PRO B 191 1.06 -17.34 11.98
CA PRO B 191 0.72 -18.78 12.05
C PRO B 191 1.98 -19.67 12.02
N GLY B 192 1.95 -20.75 12.79
CA GLY B 192 3.18 -21.55 13.02
C GLY B 192 2.91 -23.03 12.79
N ASN B 193 3.67 -23.85 13.51
N ASN B 193 3.65 -23.90 13.48
CA ASN B 193 3.58 -25.30 13.46
CA ASN B 193 3.49 -25.36 13.29
C ASN B 193 2.17 -25.84 13.68
C ASN B 193 2.09 -25.85 13.62
N GLU B 194 1.34 -25.09 14.42
CA GLU B 194 -0.05 -25.50 14.73
C GLU B 194 -0.93 -25.67 13.47
N GLN B 195 -0.59 -25.00 12.37
CA GLN B 195 -1.30 -25.21 11.09
C GLN B 195 -1.30 -26.68 10.68
N ARG B 196 -0.21 -27.39 10.95
CA ARG B 196 -0.21 -28.82 10.60
C ARG B 196 -1.21 -29.59 11.45
N LEU B 197 -1.41 -29.17 12.70
CA LEU B 197 -2.42 -29.85 13.52
C LEU B 197 -3.86 -29.54 13.07
N TYR B 198 -4.07 -28.37 12.48
CA TYR B 198 -5.40 -27.98 12.11
C TYR B 198 -5.82 -28.56 10.76
N TRP B 199 -4.87 -28.67 9.83
CA TRP B 199 -5.25 -29.00 8.43
C TRP B 199 -4.28 -29.91 7.75
N GLY B 200 -3.22 -30.31 8.46
CA GLY B 200 -2.17 -31.15 7.86
C GLY B 200 -2.61 -32.60 7.69
N SER B 201 -2.03 -33.26 6.68
N SER B 201 -2.05 -33.28 6.69
CA SER B 201 -2.39 -34.63 6.32
CA SER B 201 -2.50 -34.63 6.36
C SER B 201 -2.22 -35.60 7.48
C SER B 201 -2.24 -35.62 7.50
N HIS B 202 -1.15 -35.44 8.25
CA HIS B 202 -0.84 -36.35 9.33
C HIS B 202 -1.89 -36.29 10.46
N SER B 203 -2.55 -35.15 10.63
CA SER B 203 -3.60 -35.01 11.66
C SER B 203 -4.99 -35.47 11.20
N ALA B 204 -5.20 -35.62 9.90
CA ALA B 204 -6.51 -36.08 9.36
C ALA B 204 -6.87 -37.45 9.94
N GLY B 205 -8.09 -37.67 10.38
CA GLY B 205 -8.40 -39.01 10.92
C GLY B 205 -7.72 -39.56 12.22
N GLN B 206 -6.90 -38.77 12.90
CA GLN B 206 -6.41 -39.14 14.23
C GLN B 206 -7.52 -38.79 15.20
N PRO B 207 -8.00 -39.75 16.01
CA PRO B 207 -9.01 -39.36 17.03
C PRO B 207 -8.52 -38.21 17.91
N GLY B 208 -9.42 -37.25 18.21
CA GLY B 208 -9.01 -36.04 18.98
C GLY B 208 -8.47 -34.88 18.16
N THR B 209 -8.18 -35.13 16.89
CA THR B 209 -7.59 -34.10 16.01
C THR B 209 -8.39 -32.80 15.95
N ARG B 210 -7.66 -31.68 15.83
CA ARG B 210 -8.27 -30.40 15.44
C ARG B 210 -8.74 -30.40 13.99
N ASN B 211 -8.23 -31.31 13.17
CA ASN B 211 -8.51 -31.30 11.72
C ASN B 211 -9.85 -32.02 11.55
N LEU B 212 -10.93 -31.39 12.01
CA LEU B 212 -12.22 -32.07 12.03
C LEU B 212 -12.72 -32.42 10.61
N GLY B 214 -10.87 -33.37 8.13
CA GLY B 214 -10.08 -34.41 7.51
C GLY B 214 -9.35 -33.96 6.28
N ALA B 215 -8.90 -32.70 6.28
CA ALA B 215 -8.15 -32.12 5.18
C ALA B 215 -6.85 -32.89 5.06
N ALA B 216 -6.55 -33.31 3.83
CA ALA B 216 -5.34 -34.10 3.63
C ALA B 216 -4.95 -33.90 2.21
N SER B 217 -4.13 -32.89 1.98
CA SER B 217 -3.75 -32.45 0.65
C SER B 217 -2.25 -32.16 0.56
N PRO B 218 -1.59 -32.71 -0.48
CA PRO B 218 -0.20 -32.37 -0.65
C PRO B 218 0.00 -30.88 -0.79
N ALA B 219 -0.99 -30.16 -1.33
CA ALA B 219 -0.88 -28.71 -1.53
C ALA B 219 -0.88 -27.99 -0.20
N ILE B 220 -1.78 -28.40 0.68
CA ILE B 220 -1.87 -27.81 2.01
C ILE B 220 -0.55 -28.06 2.72
N ASP B 221 -0.09 -29.31 2.69
CA ASP B 221 1.12 -29.65 3.44
C ASP B 221 2.31 -28.81 2.93
N ALA B 222 2.35 -28.62 1.62
CA ALA B 222 3.46 -27.93 0.99
C ALA B 222 3.45 -26.44 1.27
N ILE B 224 2.20 -25.09 3.95
CA ILE B 224 2.56 -24.90 5.35
C ILE B 224 4.08 -25.04 5.46
N ASP B 225 4.64 -25.99 4.73
CA ASP B 225 6.10 -26.19 4.79
C ASP B 225 6.83 -24.95 4.28
N ARG B 226 6.30 -24.35 3.21
CA ARG B 226 6.86 -23.14 2.65
C ARG B 226 6.72 -21.96 3.61
N LEU B 228 6.70 -22.22 6.80
CA LEU B 228 7.62 -22.44 7.91
C LEU B 228 9.10 -22.40 7.49
N ALA B 229 9.35 -22.42 6.18
CA ALA B 229 10.73 -22.32 5.68
C ALA B 229 11.00 -20.93 5.10
N ALA B 230 9.95 -20.12 4.94
CA ALA B 230 10.07 -18.77 4.33
C ALA B 230 11.10 -17.92 5.04
N THR B 231 11.98 -17.29 4.29
CA THR B 231 12.99 -16.44 4.90
C THR B 231 12.86 -14.96 4.50
N THR B 232 11.80 -14.62 3.76
CA THR B 232 11.50 -13.23 3.40
C THR B 232 10.02 -12.96 3.60
N GLU B 233 9.67 -11.68 3.74
CA GLU B 233 8.26 -11.31 3.89
C GLU B 233 7.39 -11.67 2.69
N ASP B 234 7.87 -11.41 1.48
CA ASP B 234 7.10 -11.69 0.27
C ASP B 234 6.82 -13.16 0.15
N GLU B 235 7.81 -13.98 0.50
CA GLU B 235 7.68 -15.42 0.45
C GLU B 235 6.68 -15.92 1.50
N LEU B 236 6.78 -15.38 2.72
CA LEU B 236 5.87 -15.81 3.76
C LEU B 236 4.42 -15.41 3.42
N THR B 237 4.25 -14.19 2.92
CA THR B 237 2.91 -13.71 2.53
C THR B 237 2.34 -14.56 1.39
N ALA B 238 3.17 -14.86 0.39
CA ALA B 238 2.70 -15.63 -0.75
C ALA B 238 2.25 -17.02 -0.31
N ALA B 239 3.06 -17.67 0.53
CA ALA B 239 2.76 -19.02 0.99
C ALA B 239 1.49 -19.07 1.85
N THR B 240 1.29 -18.03 2.66
CA THR B 240 0.13 -17.99 3.54
C THR B 240 -1.13 -17.73 2.74
N ARG B 241 -1.05 -16.83 1.76
CA ARG B 241 -2.20 -16.61 0.88
C ARG B 241 -2.57 -17.86 0.10
N ALA B 242 -1.53 -18.57 -0.32
CA ALA B 242 -1.70 -19.85 -1.03
C ALA B 242 -2.38 -20.88 -0.16
N LEU B 243 -1.92 -21.01 1.09
CA LEU B 243 -2.65 -21.84 2.06
C LEU B 243 -4.14 -21.43 2.18
N ASP B 244 -4.38 -20.14 2.40
CA ASP B 244 -5.77 -19.63 2.53
C ASP B 244 -6.57 -20.04 1.28
N ARG B 245 -5.92 -19.93 0.12
CA ARG B 245 -6.60 -20.24 -1.15
C ARG B 245 -7.02 -21.73 -1.24
N VAL B 246 -6.04 -22.59 -0.99
CA VAL B 246 -6.29 -24.02 -1.02
C VAL B 246 -7.29 -24.45 0.07
N LEU B 247 -7.18 -23.92 1.28
CA LEU B 247 -8.14 -24.28 2.31
C LEU B 247 -9.58 -23.89 1.94
N THR B 248 -9.73 -22.70 1.41
CA THR B 248 -11.06 -22.17 1.09
C THR B 248 -11.64 -23.03 -0.06
N ALA B 249 -10.79 -23.36 -1.04
CA ALA B 249 -11.26 -24.11 -2.22
C ALA B 249 -11.57 -25.56 -1.88
N GLY B 250 -11.01 -26.05 -0.76
CA GLY B 250 -11.35 -27.38 -0.23
C GLY B 250 -12.80 -27.53 0.13
N ARG B 251 -13.51 -26.40 0.36
CA ARG B 251 -14.95 -26.45 0.67
C ARG B 251 -15.18 -27.35 1.91
N TYR B 252 -14.39 -27.12 2.96
CA TYR B 252 -14.43 -27.96 4.14
C TYR B 252 -15.39 -27.47 5.16
N VAL B 253 -15.73 -26.19 5.09
CA VAL B 253 -16.59 -25.54 6.08
C VAL B 253 -17.56 -24.67 5.36
N ILE B 254 -18.80 -24.68 5.81
CA ILE B 254 -19.81 -23.72 5.34
C ILE B 254 -19.68 -22.45 6.23
N PRO B 255 -19.10 -21.36 5.71
CA PRO B 255 -18.76 -20.26 6.66
C PRO B 255 -19.96 -19.40 7.01
N ILE B 256 -19.98 -18.94 8.26
CA ILE B 256 -20.96 -17.93 8.67
C ILE B 256 -20.22 -16.64 9.06
N TRP B 257 -20.78 -15.86 9.99
CA TRP B 257 -20.13 -14.63 10.46
C TRP B 257 -19.22 -14.97 11.66
N ARG B 258 -18.49 -13.95 12.13
CA ARG B 258 -17.73 -13.98 13.41
C ARG B 258 -16.50 -14.88 13.36
N SER C 1 -12.39 -6.21 -46.61
CA SER C 1 -13.52 -7.15 -46.35
C SER C 1 -14.57 -6.32 -45.62
N ASN C 2 -15.05 -5.27 -46.31
CA ASN C 2 -15.75 -4.16 -45.69
C ASN C 2 -14.93 -3.58 -44.54
N ALA C 3 -15.54 -3.48 -43.35
CA ALA C 3 -14.93 -2.87 -42.17
C ALA C 3 -15.56 -3.48 -40.91
N GLY C 4 -15.15 -2.94 -39.74
CA GLY C 4 -15.75 -3.36 -38.48
C GLY C 4 -14.81 -3.34 -37.29
N THR C 6 -13.28 -5.72 -33.99
CA THR C 6 -13.05 -6.97 -33.23
C THR C 6 -12.17 -6.66 -32.04
N GLY C 7 -12.54 -7.17 -30.88
CA GLY C 7 -11.69 -7.01 -29.72
C GLY C 7 -12.41 -7.40 -28.46
N PHE C 8 -12.03 -6.79 -27.34
CA PHE C 8 -12.75 -7.03 -26.11
C PHE C 8 -13.62 -5.80 -25.89
N VAL C 9 -14.94 -6.02 -25.84
CA VAL C 9 -15.86 -4.92 -25.57
C VAL C 9 -15.94 -4.69 -24.06
N ILE C 10 -16.09 -3.41 -23.68
CA ILE C 10 -16.11 -3.02 -22.27
C ILE C 10 -17.56 -2.63 -21.97
N ASN C 11 -18.12 -3.18 -20.89
CA ASN C 11 -19.51 -2.85 -20.52
C ASN C 11 -19.49 -1.54 -19.72
N THR C 12 -19.73 -0.43 -20.41
CA THR C 12 -19.63 0.88 -19.77
C THR C 12 -20.80 1.19 -18.85
N ARG C 13 -21.80 0.29 -18.80
CA ARG C 13 -22.86 0.44 -17.79
C ARG C 13 -22.43 0.16 -16.34
N ARG C 14 -21.34 -0.58 -16.14
CA ARG C 14 -20.89 -0.99 -14.80
C ARG C 14 -19.74 -0.14 -14.36
N ALA C 15 -19.87 0.53 -13.23
CA ALA C 15 -18.76 1.24 -12.65
C ALA C 15 -17.68 0.19 -12.31
N PRO C 16 -16.39 0.51 -12.49
CA PRO C 16 -15.81 1.79 -12.87
C PRO C 16 -15.57 1.95 -14.38
N PHE C 17 -16.09 1.02 -15.19
CA PHE C 17 -15.86 1.05 -16.66
C PHE C 17 -16.60 2.17 -17.39
N ASP C 18 -17.48 2.87 -16.67
CA ASP C 18 -18.10 4.09 -17.19
C ASP C 18 -17.13 5.27 -17.23
N ASP C 19 -15.93 5.09 -16.64
CA ASP C 19 -14.92 6.16 -16.60
C ASP C 19 -14.01 5.98 -17.81
N TRP C 20 -14.06 6.93 -18.75
CA TRP C 20 -13.20 6.89 -19.94
C TRP C 20 -11.71 6.77 -19.59
N ARG C 21 -11.30 7.31 -18.43
CA ARG C 21 -9.89 7.18 -18.02
C ARG C 21 -9.51 5.77 -17.69
N LEU C 22 -10.40 5.02 -17.04
CA LEU C 22 -10.12 3.60 -16.82
C LEU C 22 -10.08 2.88 -18.17
N ARG C 23 -11.01 3.19 -19.07
CA ARG C 23 -10.92 2.54 -20.41
C ARG C 23 -9.64 2.82 -21.17
N GLU C 24 -9.16 4.07 -21.10
CA GLU C 24 -7.91 4.46 -21.75
C GLU C 24 -6.77 3.67 -21.15
N ALA C 25 -6.75 3.48 -19.82
CA ALA C 25 -5.71 2.66 -19.20
C ALA C 25 -5.74 1.23 -19.74
N LEU C 26 -6.92 0.65 -19.81
CA LEU C 26 -7.06 -0.72 -20.34
C LEU C 26 -6.53 -0.77 -21.77
N LEU C 27 -6.82 0.26 -22.57
CA LEU C 27 -6.30 0.30 -23.95
C LEU C 27 -4.78 0.49 -23.99
N LEU C 28 -4.25 1.40 -23.16
CA LEU C 28 -2.79 1.58 -23.06
C LEU C 28 -2.11 0.29 -22.66
N ALA C 29 -2.76 -0.49 -21.79
CA ALA C 29 -2.12 -1.72 -21.26
C ALA C 29 -2.11 -2.89 -22.25
N PHE C 30 -2.88 -2.77 -23.32
CA PHE C 30 -3.04 -3.85 -24.28
C PHE C 30 -1.92 -3.71 -25.28
N ASN C 31 -0.93 -4.61 -25.17
CA ASN C 31 0.23 -4.54 -26.03
C ASN C 31 -0.05 -5.18 -27.40
N PHE C 32 -0.77 -4.45 -28.27
CA PHE C 32 -1.14 -5.01 -29.56
C PHE C 32 0.05 -5.56 -30.35
N GLU C 33 1.14 -4.80 -30.41
CA GLU C 33 2.29 -5.21 -31.23
C GLU C 33 2.91 -6.54 -30.76
N PHE C 34 3.11 -6.67 -29.45
CA PHE C 34 3.66 -7.90 -28.89
C PHE C 34 2.71 -9.09 -29.07
N ILE C 35 1.43 -8.85 -28.87
CA ILE C 35 0.43 -9.89 -28.99
C ILE C 35 0.32 -10.37 -30.43
N ASN C 36 0.21 -9.40 -31.35
CA ASN C 36 0.17 -9.70 -32.79
C ASN C 36 1.43 -10.48 -33.18
N ASP C 37 2.60 -10.00 -32.75
CA ASP C 37 3.86 -10.72 -33.03
C ASP C 37 3.84 -12.16 -32.52
N THR C 38 3.36 -12.36 -31.30
CA THR C 38 3.35 -13.66 -30.62
C THR C 38 2.36 -14.63 -31.26
N VAL C 39 1.15 -14.17 -31.49
CA VAL C 39 0.08 -15.03 -31.99
C VAL C 39 0.18 -15.29 -33.49
N THR C 40 0.42 -14.25 -34.28
CA THR C 40 0.36 -14.36 -35.76
C THR C 40 1.65 -14.08 -36.50
N GLY C 41 2.76 -13.90 -35.78
CA GLY C 41 4.03 -13.47 -36.41
C GLY C 41 3.97 -12.02 -36.91
N GLY C 42 3.02 -11.23 -36.38
CA GLY C 42 2.94 -9.82 -36.72
C GLY C 42 2.34 -9.50 -38.09
N VAL C 43 1.62 -10.46 -38.66
CA VAL C 43 1.08 -10.31 -40.00
C VAL C 43 -0.29 -9.57 -40.07
N PRO C 45 -3.01 -6.57 -39.68
CA PRO C 45 -2.91 -5.13 -39.39
C PRO C 45 -3.79 -4.77 -38.17
N ARG C 46 -3.46 -3.71 -37.42
CA ARG C 46 -4.37 -3.36 -36.32
C ARG C 46 -5.57 -2.66 -36.89
N ILE C 47 -6.69 -2.83 -36.22
CA ILE C 47 -7.85 -2.00 -36.38
C ILE C 47 -7.54 -0.61 -35.80
N THR C 48 -7.76 0.42 -36.60
CA THR C 48 -7.41 1.76 -36.14
C THR C 48 -8.69 2.57 -35.86
N SER C 49 -9.84 2.10 -36.35
CA SER C 49 -11.14 2.71 -36.07
C SER C 49 -12.20 1.72 -36.52
N TYR C 50 -13.47 2.09 -36.40
CA TYR C 50 -14.54 1.18 -36.79
C TYR C 50 -14.60 0.98 -38.31
N PHE C 51 -14.08 1.96 -39.06
CA PHE C 51 -14.10 1.87 -40.53
C PHE C 51 -12.69 1.87 -41.09
N SER C 52 -11.73 1.35 -40.33
CA SER C 52 -10.36 1.43 -40.78
C SER C 52 -10.16 0.70 -42.11
N GLY C 53 -9.19 1.21 -42.86
CA GLY C 53 -8.88 0.67 -44.18
C GLY C 53 -9.83 1.11 -45.28
N THR C 54 -10.73 2.05 -44.98
CA THR C 54 -11.65 2.54 -45.97
C THR C 54 -11.70 4.08 -45.94
N ASP C 55 -12.36 4.65 -46.95
N ASP C 55 -12.33 4.69 -46.94
CA ASP C 55 -12.56 6.11 -47.03
CA ASP C 55 -12.46 6.16 -46.92
C ASP C 55 -13.54 6.62 -45.99
C ASP C 55 -13.64 6.64 -46.06
N LEU C 56 -14.28 5.70 -45.36
CA LEU C 56 -15.22 6.09 -44.32
C LEU C 56 -14.54 6.30 -42.96
N ALA C 57 -13.28 5.86 -42.81
CA ALA C 57 -12.51 6.12 -41.58
C ALA C 57 -12.27 7.61 -41.38
N TYR C 58 -12.39 8.09 -40.14
CA TYR C 58 -11.92 9.44 -39.90
C TYR C 58 -10.42 9.61 -40.20
N ARG C 59 -10.05 10.81 -40.63
CA ARG C 59 -8.69 11.13 -40.98
C ARG C 59 -7.95 11.50 -39.69
N PRO C 60 -6.71 11.04 -39.57
CA PRO C 60 -6.05 11.33 -38.30
C PRO C 60 -5.79 12.84 -38.12
N GLY C 61 -5.63 13.26 -36.88
CA GLY C 61 -5.32 14.66 -36.60
C GLY C 61 -6.55 15.44 -36.20
N THR C 62 -6.40 16.75 -36.17
CA THR C 62 -7.48 17.63 -35.69
C THR C 62 -8.66 17.56 -36.62
N ALA C 63 -9.87 17.51 -36.06
CA ALA C 63 -11.09 17.53 -36.87
C ALA C 63 -11.27 18.92 -37.41
N SER C 64 -11.67 19.02 -38.67
CA SER C 64 -11.82 20.31 -39.28
C SER C 64 -12.93 20.22 -40.31
N GLY C 65 -13.17 21.32 -41.00
CA GLY C 65 -14.14 21.37 -42.10
C GLY C 65 -15.54 20.94 -41.64
N ARG C 66 -16.24 20.22 -42.50
CA ARG C 66 -17.63 19.86 -42.22
C ARG C 66 -17.70 18.92 -41.01
N GLU C 67 -16.70 18.07 -40.86
CA GLU C 67 -16.77 17.09 -39.81
C GLU C 67 -16.77 17.83 -38.45
N ALA C 68 -15.91 18.84 -38.30
CA ALA C 68 -15.92 19.67 -37.08
C ALA C 68 -17.22 20.45 -36.86
N GLU C 69 -17.79 21.00 -37.93
CA GLU C 69 -19.07 21.70 -37.83
C GLU C 69 -20.14 20.77 -37.27
N LEU C 70 -20.13 19.54 -37.77
CA LEU C 70 -21.11 18.57 -37.33
C LEU C 70 -20.92 18.23 -35.85
N LEU C 71 -19.68 18.08 -35.43
CA LEU C 71 -19.41 17.57 -34.08
C LEU C 71 -19.38 18.67 -33.01
N ALA C 72 -19.00 19.88 -33.41
CA ALA C 72 -18.75 20.97 -32.44
C ALA C 72 -19.88 21.19 -31.42
N PRO C 73 -21.15 21.17 -31.87
CA PRO C 73 -22.28 21.38 -30.94
C PRO C 73 -22.37 20.34 -29.82
N PHE C 74 -21.67 19.22 -30.00
CA PHE C 74 -21.69 18.09 -29.05
C PHE C 74 -20.43 18.04 -28.21
N ALA C 75 -19.65 19.13 -28.19
CA ALA C 75 -18.36 19.08 -27.55
C ALA C 75 -18.48 18.63 -26.09
N ALA C 76 -19.58 19.00 -25.44
CA ALA C 76 -19.77 18.62 -24.04
C ALA C 76 -19.92 17.11 -23.84
N ASP C 77 -20.43 16.40 -24.84
CA ASP C 77 -20.70 14.96 -24.74
C ASP C 77 -19.56 14.15 -25.33
N LEU C 78 -18.55 14.81 -25.85
CA LEU C 78 -17.53 14.06 -26.60
C LEU C 78 -16.51 13.58 -25.63
N PRO C 79 -16.02 12.36 -25.86
CA PRO C 79 -14.89 11.89 -25.09
C PRO C 79 -13.70 12.84 -25.30
N PRO C 80 -12.93 13.09 -24.23
CA PRO C 80 -11.73 13.91 -24.37
C PRO C 80 -10.81 13.42 -25.49
N GLY C 81 -10.20 14.39 -26.18
CA GLY C 81 -9.33 14.11 -27.33
C GLY C 81 -10.03 13.97 -28.68
N THR C 82 -11.36 13.92 -28.68
CA THR C 82 -12.09 13.66 -29.92
C THR C 82 -11.78 14.68 -31.01
N LEU C 83 -11.93 15.96 -30.70
N LEU C 83 -11.95 15.97 -30.71
CA LEU C 83 -11.78 17.02 -31.71
CA LEU C 83 -11.76 17.01 -31.75
C LEU C 83 -10.32 17.33 -32.00
C LEU C 83 -10.29 17.27 -32.02
N GLU C 84 -9.46 17.14 -30.99
CA GLU C 84 -8.02 17.39 -31.11
C GLU C 84 -7.33 16.32 -31.93
N GLY C 85 -7.93 15.14 -31.99
CA GLY C 85 -7.42 14.06 -32.81
C GLY C 85 -6.93 12.95 -31.93
N TYR C 86 -7.83 12.00 -31.67
CA TYR C 86 -7.53 10.81 -30.88
C TYR C 86 -7.05 9.67 -31.77
N ALA C 87 -6.10 8.88 -31.27
CA ALA C 87 -5.71 7.65 -31.95
C ALA C 87 -5.50 6.58 -30.92
N LEU C 88 -5.77 5.34 -31.30
CA LEU C 88 -5.48 4.19 -30.43
C LEU C 88 -4.02 4.14 -30.03
N PRO C 89 -3.74 3.68 -28.80
CA PRO C 89 -2.35 3.64 -28.37
C PRO C 89 -1.50 2.71 -29.21
N GLN C 90 -0.27 3.13 -29.47
CA GLN C 90 0.69 2.28 -30.12
C GLN C 90 1.86 2.07 -29.18
N GLY C 91 2.08 0.80 -28.89
CA GLY C 91 3.19 0.36 -28.05
C GLY C 91 4.54 0.55 -28.71
N ASP C 92 5.59 0.28 -27.97
CA ASP C 92 6.95 0.47 -28.46
C ASP C 92 7.50 -0.77 -29.19
N GLY C 93 6.69 -1.83 -29.31
CA GLY C 93 7.12 -3.03 -30.03
C GLY C 93 7.70 -4.12 -29.15
N THR C 94 8.01 -3.79 -27.88
CA THR C 94 8.65 -4.71 -26.94
C THR C 94 7.62 -5.44 -26.08
N ALA C 95 8.07 -6.52 -25.43
CA ALA C 95 7.23 -7.26 -24.47
C ALA C 95 6.79 -6.37 -23.31
N ARG C 96 7.71 -5.57 -22.81
CA ARG C 96 7.41 -4.77 -21.63
C ARG C 96 6.54 -3.56 -21.90
N ASN C 97 6.70 -2.91 -23.07
CA ASN C 97 5.84 -1.77 -23.44
C ASN C 97 5.86 -0.71 -22.31
N ARG C 98 7.06 -0.44 -21.79
CA ARG C 98 7.17 0.36 -20.56
C ARG C 98 6.44 1.71 -20.56
N THR C 99 6.64 2.51 -21.58
CA THR C 99 6.12 3.89 -21.57
C THR C 99 4.60 3.88 -21.47
N ASN C 100 3.95 3.03 -22.28
CA ASN C 100 2.49 2.99 -22.25
C ASN C 100 1.92 2.35 -21.00
N LEU C 101 2.62 1.34 -20.48
CA LEU C 101 2.18 0.81 -19.15
C LEU C 101 2.28 1.86 -18.03
N ARG C 102 3.35 2.67 -18.03
CA ARG C 102 3.47 3.75 -17.05
C ARG C 102 2.35 4.75 -17.26
N ARG C 103 2.06 5.07 -18.52
N ARG C 103 2.05 5.06 -18.52
CA ARG C 103 0.95 5.96 -18.85
CA ARG C 103 0.95 5.96 -18.86
C ARG C 103 -0.39 5.41 -18.34
C ARG C 103 -0.40 5.41 -18.37
N ALA C 104 -0.61 4.10 -18.53
CA ALA C 104 -1.84 3.45 -18.01
C ALA C 104 -1.96 3.65 -16.50
N ALA C 105 -0.85 3.42 -15.79
CA ALA C 105 -0.83 3.60 -14.33
C ALA C 105 -1.25 5.04 -13.96
N GLN C 106 -0.73 6.01 -14.73
N GLN C 106 -0.75 6.03 -14.71
CA GLN C 106 -1.03 7.45 -14.59
CA GLN C 106 -1.12 7.41 -14.40
C GLN C 106 -2.53 7.73 -14.69
C GLN C 106 -2.60 7.71 -14.64
N PHE C 107 -3.16 7.16 -15.72
CA PHE C 107 -4.61 7.29 -15.93
C PHE C 107 -5.41 6.63 -14.81
N LEU C 108 -4.94 5.50 -14.33
CA LEU C 108 -5.61 4.85 -13.21
C LEU C 108 -5.53 5.72 -11.96
N GLU C 109 -4.37 6.34 -11.72
CA GLU C 109 -4.19 7.25 -10.57
C GLU C 109 -5.17 8.42 -10.68
N GLN C 110 -5.22 9.06 -11.86
CA GLN C 110 -6.20 10.13 -12.15
C GLN C 110 -7.63 9.74 -11.81
N ALA C 111 -8.03 8.50 -12.13
CA ALA C 111 -9.37 8.02 -11.84
C ALA C 111 -9.56 7.60 -10.39
N GLY C 112 -8.54 7.88 -9.55
CA GLY C 112 -8.62 7.62 -8.11
C GLY C 112 -8.24 6.23 -7.63
N PHE C 113 -7.63 5.42 -8.50
CA PHE C 113 -7.16 4.11 -8.07
C PHE C 113 -5.81 4.26 -7.40
N ARG C 114 -5.51 3.40 -6.43
CA ARG C 114 -4.24 3.50 -5.69
C ARG C 114 -3.63 2.13 -5.54
N ILE C 115 -2.30 2.03 -5.68
CA ILE C 115 -1.62 0.77 -5.39
C ILE C 115 -1.36 0.69 -3.89
N GLU C 116 -1.84 -0.38 -3.28
CA GLU C 116 -1.58 -0.66 -1.88
C GLU C 116 -1.08 -2.09 -1.81
N GLN C 117 0.20 -2.26 -1.49
CA GLN C 117 0.79 -3.59 -1.33
C GLN C 117 0.61 -4.45 -2.60
N GLY C 118 0.91 -3.88 -3.76
CA GLY C 118 0.86 -4.60 -5.03
C GLY C 118 -0.54 -4.81 -5.61
N GLN C 119 -1.55 -4.28 -4.93
CA GLN C 119 -2.94 -4.41 -5.33
C GLN C 119 -3.55 -3.05 -5.70
N LEU C 120 -4.19 -2.96 -6.87
CA LEU C 120 -4.82 -1.69 -7.24
C LEU C 120 -6.20 -1.59 -6.61
N LEU C 121 -6.37 -0.61 -5.73
CA LEU C 121 -7.65 -0.36 -5.06
C LEU C 121 -8.41 0.84 -5.65
N GLY C 122 -9.73 0.70 -5.78
CA GLY C 122 -10.59 1.77 -6.26
C GLY C 122 -10.76 2.86 -5.23
N PRO C 123 -11.35 4.02 -5.64
CA PRO C 123 -11.62 5.08 -4.66
C PRO C 123 -12.44 4.60 -3.46
N ASP C 124 -13.20 3.51 -3.61
CA ASP C 124 -13.94 2.92 -2.50
C ASP C 124 -13.12 1.94 -1.66
N GLY C 125 -11.86 1.71 -2.04
CA GLY C 125 -11.01 0.76 -1.31
C GLY C 125 -11.19 -0.69 -1.76
N ALA C 126 -12.07 -0.91 -2.73
CA ALA C 126 -12.24 -2.23 -3.35
C ALA C 126 -11.16 -2.48 -4.41
N PRO C 127 -10.57 -3.68 -4.39
CA PRO C 127 -9.59 -4.02 -5.43
C PRO C 127 -10.28 -4.06 -6.80
N LEU C 128 -9.57 -3.59 -7.83
CA LEU C 128 -10.08 -3.70 -9.20
C LEU C 128 -9.80 -5.09 -9.78
N ALA C 129 -10.87 -5.81 -10.08
CA ALA C 129 -10.80 -7.10 -10.77
C ALA C 129 -11.72 -7.09 -11.97
N LEU C 130 -11.15 -7.39 -13.13
N LEU C 130 -11.16 -7.38 -13.14
CA LEU C 130 -11.91 -7.39 -14.36
CA LEU C 130 -11.91 -7.40 -14.36
C LEU C 130 -12.42 -8.79 -14.60
C LEU C 130 -12.42 -8.80 -14.60
N ARG C 131 -13.72 -8.92 -14.85
CA ARG C 131 -14.30 -10.21 -15.16
C ARG C 131 -14.42 -10.38 -16.69
N PHE C 132 -13.58 -11.21 -17.29
CA PHE C 132 -13.69 -11.49 -18.73
C PHE C 132 -14.56 -12.72 -18.94
N LEU C 133 -15.59 -12.57 -19.76
CA LEU C 133 -16.48 -13.69 -20.09
C LEU C 133 -16.04 -14.25 -21.43
N LEU C 134 -15.59 -15.51 -21.50
CA LEU C 134 -15.19 -16.16 -22.76
C LEU C 134 -15.98 -17.46 -22.98
N ARG C 135 -16.21 -17.81 -24.24
CA ARG C 135 -16.73 -19.15 -24.55
C ARG C 135 -15.61 -20.16 -24.31
N GLN C 136 -15.96 -21.32 -23.76
CA GLN C 136 -14.99 -22.40 -23.51
C GLN C 136 -14.16 -22.75 -24.73
N GLY C 137 -14.78 -22.75 -25.90
CA GLY C 137 -14.11 -23.15 -27.14
C GLY C 137 -13.28 -22.09 -27.85
N ASP C 138 -13.23 -20.88 -27.28
CA ASP C 138 -12.59 -19.72 -27.90
C ASP C 138 -11.11 -19.61 -27.53
N SER C 139 -10.32 -20.60 -27.95
CA SER C 139 -8.88 -20.69 -27.68
C SER C 139 -8.09 -19.50 -28.20
N ASP C 140 -8.58 -18.94 -29.31
N ASP C 140 -8.54 -18.90 -29.31
CA ASP C 140 -8.04 -17.72 -29.93
CA ASP C 140 -7.84 -17.74 -29.86
C ASP C 140 -7.90 -16.62 -28.88
C ASP C 140 -7.87 -16.53 -28.89
N GLN C 142 -8.52 -16.80 -25.68
CA GLN C 142 -7.86 -17.27 -24.46
C GLN C 142 -6.36 -16.94 -24.49
N THR C 143 -5.72 -17.22 -25.62
CA THR C 143 -4.28 -16.93 -25.76
C THR C 143 -4.01 -15.42 -25.66
N VAL C 144 -4.83 -14.62 -26.35
CA VAL C 144 -4.63 -13.17 -26.30
C VAL C 144 -4.82 -12.67 -24.86
N LEU C 145 -5.85 -13.18 -24.22
CA LEU C 145 -6.18 -12.65 -22.91
C LEU C 145 -5.08 -13.02 -21.88
N GLU C 146 -4.51 -14.21 -22.02
CA GLU C 146 -3.42 -14.66 -21.17
C GLU C 146 -2.21 -13.66 -21.24
N ILE C 147 -1.90 -13.17 -22.43
CA ILE C 147 -0.83 -12.17 -22.55
C ILE C 147 -1.23 -10.83 -21.93
N TYR C 148 -2.42 -10.38 -22.28
CA TYR C 148 -2.90 -9.11 -21.76
C TYR C 148 -2.96 -9.10 -20.23
N THR C 149 -3.38 -10.20 -19.60
CA THR C 149 -3.42 -10.22 -18.12
C THR C 149 -2.07 -10.03 -17.45
N ARG C 150 -0.97 -10.36 -18.14
CA ARG C 150 0.37 -10.10 -17.60
C ARG C 150 0.59 -8.61 -17.43
N ALA C 151 0.13 -7.81 -18.40
CA ALA C 151 0.28 -6.38 -18.28
C ALA C 151 -0.65 -5.83 -17.19
N LEU C 152 -1.89 -6.33 -17.14
CA LEU C 152 -2.84 -5.89 -16.12
C LEU C 152 -2.33 -6.23 -14.72
N GLU C 153 -1.77 -7.40 -14.56
CA GLU C 153 -1.12 -7.74 -13.28
C GLU C 153 -0.04 -6.75 -12.89
N ARG C 154 0.73 -6.29 -13.87
CA ARG C 154 1.77 -5.33 -13.54
C ARG C 154 1.13 -4.06 -12.93
N LEU C 155 -0.10 -3.76 -13.34
CA LEU C 155 -0.77 -2.57 -12.86
C LEU C 155 -1.51 -2.81 -11.54
N GLY C 156 -1.39 -4.02 -10.99
CA GLY C 156 -2.08 -4.35 -9.74
C GLY C 156 -3.52 -4.78 -9.99
N ILE C 157 -3.87 -5.05 -11.25
CA ILE C 157 -5.23 -5.45 -11.59
C ILE C 157 -5.36 -6.96 -11.61
N ALA C 158 -6.36 -7.47 -10.90
CA ALA C 158 -6.69 -8.87 -10.90
C ALA C 158 -7.61 -9.15 -12.10
N ALA C 159 -7.57 -10.35 -12.64
CA ALA C 159 -8.54 -10.68 -13.70
C ALA C 159 -9.22 -11.96 -13.29
N GLN C 160 -10.53 -12.00 -13.50
CA GLN C 160 -11.37 -13.16 -13.17
C GLN C 160 -11.86 -13.66 -14.51
N ILE C 161 -11.21 -14.72 -15.04
CA ILE C 161 -11.57 -15.21 -16.37
C ILE C 161 -12.62 -16.29 -16.26
N GLU C 162 -13.72 -16.06 -16.92
CA GLU C 162 -14.82 -16.93 -16.75
C GLU C 162 -15.09 -17.58 -18.09
N LYS C 163 -14.75 -18.85 -18.20
CA LYS C 163 -14.98 -19.58 -19.43
C LYS C 163 -16.23 -20.42 -19.28
N VAL C 164 -17.22 -20.14 -20.14
CA VAL C 164 -18.53 -20.77 -20.02
C VAL C 164 -18.92 -21.54 -21.28
N ASP C 165 -19.91 -22.41 -21.17
CA ASP C 165 -20.35 -23.12 -22.36
C ASP C 165 -21.21 -22.22 -23.24
N ASN C 166 -21.53 -22.69 -24.43
CA ASN C 166 -22.26 -21.83 -25.37
C ASN C 166 -23.63 -21.39 -24.89
N ALA C 167 -24.35 -22.27 -24.23
CA ALA C 167 -25.67 -21.88 -23.69
C ALA C 167 -25.53 -20.78 -22.62
N GLN C 168 -24.57 -20.94 -21.72
CA GLN C 168 -24.32 -19.88 -20.70
C GLN C 168 -23.83 -18.57 -21.33
N TYR C 169 -23.00 -18.66 -22.37
CA TYR C 169 -22.47 -17.48 -23.01
C TYR C 169 -23.62 -16.70 -23.67
N THR C 170 -24.50 -17.41 -24.38
CA THR C 170 -25.68 -16.77 -25.01
C THR C 170 -26.52 -16.03 -23.95
N ALA C 171 -26.79 -16.73 -22.85
CA ALA C 171 -27.61 -16.15 -21.81
C ALA C 171 -26.95 -14.93 -21.19
N ARG C 172 -25.66 -15.04 -20.86
CA ARG C 172 -24.94 -13.96 -20.19
C ARG C 172 -24.79 -12.72 -21.09
N VAL C 173 -24.50 -12.93 -22.38
CA VAL C 173 -24.34 -11.80 -23.30
C VAL C 173 -25.72 -11.14 -23.49
N ALA C 174 -26.76 -11.94 -23.62
CA ALA C 174 -28.11 -11.36 -23.83
C ALA C 174 -28.56 -10.55 -22.64
N GLU C 175 -28.13 -10.97 -21.45
CA GLU C 175 -28.53 -10.26 -20.25
C GLU C 175 -27.56 -9.15 -19.88
N LEU C 176 -26.53 -8.97 -20.73
CA LEU C 176 -25.49 -7.95 -20.49
C LEU C 176 -24.78 -8.17 -19.15
N ASP C 177 -24.64 -9.43 -18.78
CA ASP C 177 -23.98 -9.81 -17.54
C ASP C 177 -22.48 -10.15 -17.77
N PHE C 178 -21.62 -9.12 -17.90
CA PHE C 178 -20.18 -9.25 -18.11
C PHE C 178 -19.55 -7.86 -17.90
N ASP C 179 -18.24 -7.86 -17.65
CA ASP C 179 -17.43 -6.63 -17.58
C ASP C 179 -16.79 -6.44 -18.98
N LEU C 180 -16.03 -7.44 -19.44
CA LEU C 180 -15.50 -7.45 -20.79
C LEU C 180 -15.76 -8.81 -21.44
N THR C 181 -15.96 -8.82 -22.74
CA THR C 181 -16.14 -10.07 -23.47
C THR C 181 -15.67 -9.86 -24.91
N PRO C 182 -15.24 -10.94 -25.59
CA PRO C 182 -14.89 -10.79 -26.98
C PRO C 182 -16.07 -10.28 -27.80
N PHE C 183 -15.75 -9.51 -28.82
CA PHE C 183 -16.75 -8.78 -29.57
C PHE C 183 -16.28 -8.80 -31.02
N ARG C 184 -17.20 -9.12 -31.92
N ARG C 184 -17.19 -9.01 -31.96
CA ARG C 184 -17.01 -8.92 -33.34
CA ARG C 184 -16.85 -9.00 -33.40
C ARG C 184 -18.24 -8.19 -33.83
C ARG C 184 -18.03 -8.43 -34.19
N ARG C 185 -17.97 -7.14 -34.58
CA ARG C 185 -19.04 -6.47 -35.31
C ARG C 185 -18.61 -6.19 -36.75
N ASP C 186 -19.27 -6.83 -37.73
CA ASP C 186 -18.96 -6.55 -39.15
C ASP C 186 -19.83 -5.36 -39.57
N LEU C 187 -19.26 -4.37 -40.28
CA LEU C 187 -20.01 -3.17 -40.68
C LEU C 187 -20.00 -3.02 -42.17
N SER C 188 -21.11 -2.49 -42.67
CA SER C 188 -21.37 -2.26 -44.08
C SER C 188 -20.60 -1.03 -44.53
N LEU C 189 -20.22 -0.96 -45.80
CA LEU C 189 -19.72 0.27 -46.38
C LEU C 189 -20.83 1.14 -46.98
N SER C 190 -22.07 0.72 -46.75
CA SER C 190 -23.23 1.59 -46.94
C SER C 190 -24.06 1.61 -45.65
N PRO C 191 -23.44 2.08 -44.52
CA PRO C 191 -24.08 1.92 -43.22
C PRO C 191 -25.44 2.63 -43.16
N GLY C 192 -26.39 2.02 -42.46
CA GLY C 192 -27.76 2.61 -42.42
C GLY C 192 -28.33 2.53 -41.03
N ASN C 193 -29.65 2.36 -40.94
N ASN C 193 -29.64 2.35 -40.98
CA ASN C 193 -30.33 2.38 -39.64
CA ASN C 193 -30.44 2.28 -39.75
C ASN C 193 -29.82 1.36 -38.63
C ASN C 193 -29.89 1.34 -38.68
N GLU C 194 -29.21 0.27 -39.11
CA GLU C 194 -28.62 -0.73 -38.19
C GLU C 194 -27.57 -0.09 -37.27
N GLN C 195 -26.93 1.02 -37.68
CA GLN C 195 -25.98 1.66 -36.77
C GLN C 195 -26.64 2.07 -35.46
N ARG C 196 -27.91 2.44 -35.51
CA ARG C 196 -28.65 2.75 -34.26
C ARG C 196 -28.77 1.54 -33.34
N LEU C 197 -28.91 0.34 -33.94
CA LEU C 197 -29.01 -0.87 -33.14
C LEU C 197 -27.65 -1.17 -32.53
N TYR C 198 -26.59 -0.84 -33.24
CA TYR C 198 -25.26 -1.14 -32.75
C TYR C 198 -24.74 -0.21 -31.66
N TRP C 199 -25.00 1.10 -31.78
CA TRP C 199 -24.36 2.08 -30.86
C TRP C 199 -25.28 3.17 -30.40
N GLY C 200 -26.55 3.08 -30.79
CA GLY C 200 -27.53 4.14 -30.47
C GLY C 200 -27.99 4.07 -29.04
N SER C 201 -28.41 5.20 -28.49
CA SER C 201 -28.70 5.25 -27.10
C SER C 201 -29.95 4.44 -26.76
N HIS C 202 -30.91 4.37 -27.68
CA HIS C 202 -32.15 3.62 -27.44
C HIS C 202 -31.87 2.12 -27.22
N SER C 203 -30.81 1.61 -27.83
CA SER C 203 -30.52 0.18 -27.74
C SER C 203 -29.61 -0.14 -26.56
N ALA C 204 -29.06 0.88 -25.93
CA ALA C 204 -28.07 0.65 -24.87
C ALA C 204 -28.66 -0.16 -23.71
N GLY C 205 -29.91 0.11 -23.37
CA GLY C 205 -30.55 -0.61 -22.26
C GLY C 205 -31.20 -1.96 -22.59
N GLN C 206 -31.37 -2.30 -23.87
CA GLN C 206 -32.26 -3.42 -24.23
C GLN C 206 -31.59 -4.80 -24.03
N PRO C 207 -32.25 -5.76 -23.34
CA PRO C 207 -31.64 -7.10 -23.32
C PRO C 207 -31.56 -7.63 -24.75
N GLY C 208 -30.48 -8.31 -25.08
CA GLY C 208 -30.33 -8.85 -26.42
C GLY C 208 -29.64 -7.88 -27.37
N THR C 209 -29.44 -6.64 -26.92
CA THR C 209 -28.89 -5.58 -27.78
C THR C 209 -27.54 -5.93 -28.41
N ARG C 210 -27.33 -5.44 -29.64
CA ARG C 210 -26.01 -5.47 -30.28
C ARG C 210 -25.05 -4.46 -29.66
N ASN C 211 -25.62 -3.52 -28.93
CA ASN C 211 -24.82 -2.45 -28.33
C ASN C 211 -24.25 -2.98 -26.99
N LEU C 212 -23.29 -3.89 -27.10
CA LEU C 212 -22.81 -4.56 -25.89
C LEU C 212 -22.08 -3.57 -24.95
N GLY C 214 -22.91 -0.56 -24.35
CA GLY C 214 -23.82 0.42 -23.80
C GLY C 214 -23.52 1.85 -24.18
N ALA C 215 -23.11 2.10 -25.43
CA ALA C 215 -22.84 3.46 -25.88
C ALA C 215 -24.18 4.22 -25.89
N ALA C 216 -24.17 5.43 -25.36
CA ALA C 216 -25.38 6.28 -25.31
C ALA C 216 -24.86 7.70 -25.31
N SER C 217 -24.79 8.26 -26.50
CA SER C 217 -24.22 9.59 -26.72
C SER C 217 -25.10 10.35 -27.69
N PRO C 218 -25.46 11.62 -27.39
CA PRO C 218 -26.20 12.43 -28.35
C PRO C 218 -25.39 12.67 -29.61
N ALA C 219 -24.05 12.65 -29.50
CA ALA C 219 -23.21 12.82 -30.69
C ALA C 219 -23.34 11.63 -31.64
N ILE C 220 -23.25 10.42 -31.11
CA ILE C 220 -23.41 9.22 -31.94
C ILE C 220 -24.78 9.28 -32.60
N ASP C 221 -25.81 9.56 -31.80
CA ASP C 221 -27.17 9.48 -32.34
C ASP C 221 -27.32 10.51 -33.43
N ALA C 222 -26.78 11.72 -33.20
CA ALA C 222 -26.89 12.77 -34.22
C ALA C 222 -26.11 12.47 -35.49
N ILE C 224 -25.52 9.60 -36.77
CA ILE C 224 -26.29 8.62 -37.53
C ILE C 224 -27.46 9.30 -38.22
N ASP C 225 -28.18 10.18 -37.51
CA ASP C 225 -29.22 11.00 -38.15
C ASP C 225 -28.69 11.75 -39.37
N ARG C 226 -27.54 12.41 -39.23
CA ARG C 226 -26.93 13.16 -40.36
C ARG C 226 -26.59 12.27 -41.57
N LEU C 228 -28.02 9.40 -42.35
CA LEU C 228 -29.25 8.96 -42.98
C LEU C 228 -29.95 10.08 -43.76
N ALA C 229 -29.70 11.33 -43.38
CA ALA C 229 -30.34 12.48 -44.06
C ALA C 229 -29.45 13.08 -45.19
N ALA C 230 -28.19 12.67 -45.28
CA ALA C 230 -27.24 13.28 -46.21
C ALA C 230 -27.67 13.08 -47.66
N THR C 231 -27.65 14.15 -48.44
CA THR C 231 -28.04 14.09 -49.86
C THR C 231 -26.83 14.34 -50.78
N THR C 232 -25.63 14.53 -50.22
CA THR C 232 -24.43 14.67 -51.08
C THR C 232 -23.33 13.76 -50.57
N GLU C 233 -22.36 13.46 -51.44
CA GLU C 233 -21.25 12.61 -51.04
C GLU C 233 -20.48 13.26 -49.89
N ASP C 234 -20.20 14.54 -50.04
CA ASP C 234 -19.38 15.22 -49.04
C ASP C 234 -20.03 15.16 -47.68
N GLU C 235 -21.33 15.37 -47.64
CA GLU C 235 -22.06 15.38 -46.38
C GLU C 235 -22.09 13.99 -45.77
N LEU C 236 -22.35 12.96 -46.61
CA LEU C 236 -22.42 11.59 -46.10
C LEU C 236 -21.07 11.14 -45.58
N THR C 237 -20.01 11.47 -46.31
CA THR C 237 -18.69 11.08 -45.90
C THR C 237 -18.31 11.81 -44.60
N ALA C 238 -18.63 13.10 -44.49
CA ALA C 238 -18.33 13.86 -43.26
C ALA C 238 -19.02 13.28 -42.03
N ALA C 239 -20.31 12.95 -42.18
CA ALA C 239 -21.09 12.43 -41.06
C ALA C 239 -20.61 11.04 -40.67
N THR C 240 -20.24 10.22 -41.66
CA THR C 240 -19.79 8.86 -41.37
C THR C 240 -18.43 8.90 -40.69
N ARG C 241 -17.53 9.75 -41.17
CA ARG C 241 -16.23 9.90 -40.52
C ARG C 241 -16.39 10.44 -39.11
N ALA C 242 -17.33 11.37 -38.92
CA ALA C 242 -17.64 11.92 -37.60
C ALA C 242 -18.15 10.81 -36.67
N LEU C 243 -19.05 9.95 -37.16
CA LEU C 243 -19.46 8.77 -36.39
C LEU C 243 -18.25 7.91 -35.99
N ASP C 244 -17.41 7.58 -36.97
CA ASP C 244 -16.20 6.78 -36.71
C ASP C 244 -15.34 7.47 -35.62
N ARG C 245 -15.16 8.78 -35.75
CA ARG C 245 -14.36 9.52 -34.78
C ARG C 245 -14.89 9.41 -33.35
N VAL C 246 -16.19 9.62 -33.18
CA VAL C 246 -16.82 9.54 -31.87
C VAL C 246 -16.83 8.12 -31.27
N LEU C 247 -17.13 7.12 -32.10
CA LEU C 247 -17.12 5.75 -31.62
C LEU C 247 -15.74 5.37 -31.13
N THR C 248 -14.71 5.73 -31.92
CA THR C 248 -13.32 5.37 -31.59
C THR C 248 -12.86 6.05 -30.26
N ALA C 249 -13.15 7.35 -30.12
CA ALA C 249 -12.76 8.09 -28.90
C ALA C 249 -13.57 7.66 -27.66
N GLY C 250 -14.71 7.00 -27.89
CA GLY C 250 -15.53 6.37 -26.85
C GLY C 250 -14.79 5.32 -26.06
N ARG C 251 -13.70 4.76 -26.66
CA ARG C 251 -12.86 3.75 -25.98
C ARG C 251 -13.72 2.60 -25.48
N TYR C 252 -14.57 2.08 -26.36
CA TYR C 252 -15.60 1.06 -26.02
C TYR C 252 -15.08 -0.35 -26.14
N VAL C 253 -14.03 -0.51 -26.96
CA VAL C 253 -13.54 -1.81 -27.36
C VAL C 253 -12.01 -1.72 -27.39
N ILE C 254 -11.37 -2.73 -26.83
CA ILE C 254 -9.90 -2.93 -26.95
C ILE C 254 -9.68 -3.69 -28.27
N PRO C 255 -9.19 -3.00 -29.33
CA PRO C 255 -9.20 -3.65 -30.63
C PRO C 255 -8.06 -4.63 -30.79
N ILE C 256 -8.30 -5.69 -31.54
CA ILE C 256 -7.18 -6.54 -31.98
C ILE C 256 -7.12 -6.44 -33.50
N TRP C 257 -7.12 -7.58 -34.15
CA TRP C 257 -7.21 -7.64 -35.56
C TRP C 257 -8.57 -8.24 -35.94
N ARG C 258 -8.96 -7.98 -37.16
CA ARG C 258 -10.11 -8.64 -37.71
C ARG C 258 -9.57 -9.94 -38.28
N SER D 1 4.71 18.67 -11.66
CA SER D 1 4.85 17.76 -10.49
C SER D 1 5.95 18.24 -9.55
N ASN D 2 5.87 17.82 -8.28
CA ASN D 2 6.85 18.20 -7.26
C ASN D 2 8.32 17.88 -7.59
N ALA D 3 8.50 16.97 -8.56
CA ALA D 3 9.83 16.46 -8.90
C ALA D 3 10.62 17.42 -9.79
N GLY D 4 11.89 17.55 -9.45
CA GLY D 4 12.78 18.35 -10.25
C GLY D 4 13.75 19.01 -9.31
N THR D 6 15.92 22.61 -8.60
CA THR D 6 16.20 24.01 -8.88
C THR D 6 17.27 24.44 -7.92
N GLY D 7 18.33 25.08 -8.42
CA GLY D 7 19.31 25.71 -7.54
C GLY D 7 20.51 26.15 -8.34
N PHE D 8 21.69 26.00 -7.72
CA PHE D 8 22.94 26.39 -8.36
C PHE D 8 23.74 25.14 -8.57
N VAL D 9 23.92 24.79 -9.85
CA VAL D 9 24.69 23.61 -10.20
C VAL D 9 26.18 23.88 -10.14
N ILE D 10 26.91 22.91 -9.63
CA ILE D 10 28.35 23.01 -9.50
C ILE D 10 29.00 22.15 -10.58
N ASN D 11 29.95 22.75 -11.29
CA ASN D 11 30.69 22.03 -12.33
C ASN D 11 31.78 21.15 -11.72
N THR D 12 31.46 19.89 -11.43
CA THR D 12 32.43 18.97 -10.76
C THR D 12 33.62 18.53 -11.64
N ARG D 13 33.62 18.92 -12.91
CA ARG D 13 34.73 18.67 -13.81
C ARG D 13 35.87 19.61 -13.48
N ARG D 14 35.58 20.69 -12.79
CA ARG D 14 36.57 21.75 -12.70
C ARG D 14 37.19 21.80 -11.31
N ALA D 15 38.48 21.50 -11.16
CA ALA D 15 39.09 21.59 -9.83
C ALA D 15 39.00 23.05 -9.32
N PRO D 16 38.80 23.23 -8.01
CA PRO D 16 38.66 22.22 -6.96
C PRO D 16 37.22 21.76 -6.69
N PHE D 17 36.32 22.07 -7.59
CA PHE D 17 34.89 21.69 -7.39
C PHE D 17 34.62 20.20 -7.48
N ASP D 18 35.62 19.43 -7.95
CA ASP D 18 35.54 17.98 -7.94
C ASP D 18 35.65 17.40 -6.52
N ASP D 19 36.06 18.24 -5.57
CA ASP D 19 36.21 17.77 -4.19
C ASP D 19 34.86 17.90 -3.46
N TRP D 20 34.30 16.77 -3.02
CA TRP D 20 32.99 16.78 -2.32
C TRP D 20 33.00 17.68 -1.07
N ARG D 21 34.18 17.85 -0.47
CA ARG D 21 34.31 18.61 0.77
C ARG D 21 34.11 20.07 0.51
N LEU D 22 34.58 20.53 -0.65
CA LEU D 22 34.34 21.92 -1.06
C LEU D 22 32.87 22.07 -1.34
N ARG D 23 32.26 21.09 -2.01
CA ARG D 23 30.83 21.19 -2.30
C ARG D 23 30.03 21.17 -1.01
N GLU D 24 30.45 20.35 -0.04
CA GLU D 24 29.79 20.33 1.27
C GLU D 24 29.90 21.73 1.95
N ALA D 25 31.07 22.35 1.85
CA ALA D 25 31.25 23.69 2.43
C ALA D 25 30.33 24.70 1.75
N LEU D 26 30.23 24.61 0.42
CA LEU D 26 29.39 25.56 -0.29
C LEU D 26 27.92 25.40 0.11
N LEU D 27 27.50 24.14 0.27
N LEU D 27 27.50 24.14 0.27
CA LEU D 27 26.14 23.84 0.76
CA LEU D 27 26.15 23.84 0.76
C LEU D 27 25.91 24.36 2.17
C LEU D 27 25.91 24.37 2.17
N LEU D 28 26.87 24.17 3.06
CA LEU D 28 26.71 24.62 4.45
C LEU D 28 26.61 26.17 4.51
N ALA D 29 27.35 26.84 3.63
CA ALA D 29 27.42 28.29 3.61
C ALA D 29 26.19 28.92 2.99
N PHE D 30 25.37 28.12 2.30
CA PHE D 30 24.13 28.64 1.70
C PHE D 30 23.03 28.69 2.74
N ASN D 31 22.68 29.89 3.15
CA ASN D 31 21.70 30.08 4.19
C ASN D 31 20.29 30.05 3.64
N PHE D 32 19.76 28.85 3.35
CA PHE D 32 18.50 28.77 2.65
C PHE D 32 17.41 29.48 3.42
N GLU D 33 17.35 29.25 4.74
CA GLU D 33 16.25 29.72 5.57
C GLU D 33 16.18 31.24 5.53
N PHE D 34 17.34 31.89 5.66
CA PHE D 34 17.40 33.35 5.64
C PHE D 34 17.09 33.92 4.27
N ILE D 35 17.73 33.35 3.24
CA ILE D 35 17.51 33.76 1.85
C ILE D 35 16.03 33.58 1.51
N ASN D 36 15.46 32.46 1.91
CA ASN D 36 14.04 32.22 1.66
C ASN D 36 13.15 33.24 2.37
N ASP D 37 13.42 33.50 3.65
CA ASP D 37 12.68 34.55 4.38
C ASP D 37 12.75 35.89 3.64
N THR D 38 13.94 36.24 3.17
CA THR D 38 14.25 37.52 2.53
C THR D 38 13.72 37.68 1.10
N VAL D 39 13.76 36.61 0.31
CA VAL D 39 13.37 36.73 -1.10
C VAL D 39 11.88 36.45 -1.30
N THR D 40 11.37 35.53 -0.47
CA THR D 40 10.07 34.87 -0.67
C THR D 40 9.08 35.17 0.46
N GLY D 41 9.58 35.73 1.56
CA GLY D 41 8.82 35.82 2.77
C GLY D 41 8.77 34.48 3.48
N GLY D 42 9.54 33.51 3.00
CA GLY D 42 9.67 32.22 3.67
C GLY D 42 8.48 31.28 3.55
N VAL D 43 7.75 31.37 2.45
CA VAL D 43 6.57 30.52 2.27
C VAL D 43 6.92 29.23 1.52
N PRO D 45 8.84 25.94 0.31
CA PRO D 45 9.71 25.00 0.99
C PRO D 45 10.97 24.74 0.17
N ARG D 46 12.03 24.30 0.84
CA ARG D 46 13.21 23.90 0.08
C ARG D 46 12.98 22.59 -0.62
N ILE D 47 13.60 22.46 -1.79
CA ILE D 47 13.67 21.18 -2.47
C ILE D 47 14.68 20.32 -1.71
N THR D 48 14.27 19.13 -1.30
CA THR D 48 15.10 18.31 -0.43
C THR D 48 15.83 17.18 -1.14
N SER D 49 15.40 16.88 -2.36
CA SER D 49 16.07 15.88 -3.22
C SER D 49 15.52 16.07 -4.64
N TYR D 50 16.01 15.27 -5.57
CA TYR D 50 15.61 15.40 -6.97
C TYR D 50 14.15 15.03 -7.19
N PHE D 51 13.63 14.16 -6.33
CA PHE D 51 12.23 13.72 -6.42
C PHE D 51 11.46 14.06 -5.17
N SER D 52 11.84 15.16 -4.52
CA SER D 52 11.22 15.51 -3.25
C SER D 52 9.77 15.90 -3.42
N GLY D 53 9.00 15.65 -2.35
CA GLY D 53 7.56 15.86 -2.36
C GLY D 53 6.82 14.82 -3.17
N THR D 54 7.47 13.69 -3.47
CA THR D 54 6.82 12.58 -4.17
C THR D 54 7.14 11.24 -3.51
N ASP D 55 6.37 10.22 -3.90
CA ASP D 55 6.62 8.84 -3.54
C ASP D 55 8.01 8.33 -3.98
N LEU D 56 8.63 9.04 -4.92
CA LEU D 56 9.93 8.61 -5.46
C LEU D 56 11.13 9.15 -4.67
N ALA D 57 10.86 10.03 -3.69
CA ALA D 57 11.95 10.60 -2.88
C ALA D 57 12.46 9.52 -1.93
N TYR D 58 13.78 9.45 -1.77
CA TYR D 58 14.34 8.50 -0.82
C TYR D 58 13.87 8.83 0.59
N ARG D 59 13.75 7.78 1.42
CA ARG D 59 13.30 7.93 2.81
C ARG D 59 14.51 8.35 3.63
N PRO D 60 14.36 9.41 4.42
CA PRO D 60 15.52 9.87 5.18
C PRO D 60 16.02 8.83 6.19
N GLY D 61 17.32 8.89 6.47
CA GLY D 61 17.95 7.98 7.40
C GLY D 61 18.69 6.90 6.66
N THR D 62 19.17 5.91 7.39
CA THR D 62 20.00 4.83 6.83
C THR D 62 19.25 4.14 5.71
N ALA D 63 19.91 3.93 4.58
CA ALA D 63 19.35 3.10 3.54
C ALA D 63 19.06 1.71 4.12
N SER D 64 17.89 1.17 3.78
CA SER D 64 17.46 -0.13 4.32
C SER D 64 16.73 -0.93 3.26
N GLY D 65 16.41 -2.17 3.60
CA GLY D 65 15.59 -3.00 2.74
C GLY D 65 16.14 -3.15 1.33
N ARG D 66 15.26 -3.12 0.32
CA ARG D 66 15.67 -3.40 -1.05
C ARG D 66 16.60 -2.29 -1.58
N GLU D 67 16.28 -1.05 -1.22
CA GLU D 67 17.18 0.07 -1.55
C GLU D 67 18.62 -0.19 -1.11
N ALA D 68 18.80 -0.68 0.13
CA ALA D 68 20.13 -0.99 0.65
C ALA D 68 20.80 -2.10 -0.14
N GLU D 69 20.02 -3.13 -0.52
CA GLU D 69 20.53 -4.23 -1.33
C GLU D 69 21.00 -3.71 -2.68
N LEU D 70 20.24 -2.78 -3.27
CA LEU D 70 20.60 -2.22 -4.55
C LEU D 70 21.90 -1.43 -4.54
N LEU D 71 22.13 -0.64 -3.48
CA LEU D 71 23.29 0.21 -3.40
C LEU D 71 24.52 -0.55 -2.85
N ALA D 72 24.29 -1.68 -2.21
CA ALA D 72 25.36 -2.34 -1.42
C ALA D 72 26.62 -2.67 -2.27
N PRO D 73 26.46 -3.13 -3.53
CA PRO D 73 27.65 -3.32 -4.38
C PRO D 73 28.50 -2.08 -4.60
N PHE D 74 27.93 -0.89 -4.44
CA PHE D 74 28.63 0.35 -4.73
C PHE D 74 29.12 1.05 -3.47
N ALA D 75 28.94 0.41 -2.32
CA ALA D 75 29.19 1.00 -0.99
C ALA D 75 30.53 1.73 -0.84
N ALA D 76 31.62 1.12 -1.32
CA ALA D 76 32.94 1.73 -1.19
C ALA D 76 33.12 2.98 -2.05
N ASP D 77 32.24 3.19 -3.03
CA ASP D 77 32.43 4.28 -4.00
C ASP D 77 31.37 5.39 -3.95
N LEU D 78 30.38 5.25 -3.09
CA LEU D 78 29.30 6.23 -3.03
C LEU D 78 29.77 7.53 -2.37
N PRO D 79 29.11 8.65 -2.70
CA PRO D 79 29.44 9.89 -2.00
C PRO D 79 29.39 9.68 -0.48
N PRO D 80 30.28 10.37 0.24
CA PRO D 80 30.27 10.24 1.69
C PRO D 80 28.87 10.52 2.27
N GLY D 81 28.43 9.65 3.18
CA GLY D 81 27.13 9.84 3.83
C GLY D 81 25.94 9.18 3.15
N THR D 82 26.13 8.65 1.92
CA THR D 82 25.01 8.14 1.13
C THR D 82 24.19 7.09 1.90
N LEU D 83 24.84 6.04 2.39
CA LEU D 83 24.14 4.93 3.02
C LEU D 83 23.76 5.25 4.45
N GLU D 84 24.55 6.11 5.10
CA GLU D 84 24.26 6.51 6.49
C GLU D 84 23.03 7.41 6.64
N GLY D 85 22.66 8.11 5.57
CA GLY D 85 21.50 9.01 5.60
C GLY D 85 21.94 10.47 5.52
N TYR D 86 22.07 10.97 4.28
CA TYR D 86 22.47 12.33 3.99
C TYR D 86 21.22 13.24 3.96
N ALA D 87 21.37 14.44 4.52
CA ALA D 87 20.36 15.49 4.39
C ALA D 87 21.02 16.84 4.16
N LEU D 88 20.28 17.73 3.48
CA LEU D 88 20.77 19.09 3.25
C LEU D 88 20.97 19.88 4.54
N PRO D 89 21.96 20.78 4.55
CA PRO D 89 22.21 21.60 5.75
C PRO D 89 20.99 22.43 6.12
N GLN D 90 20.71 22.52 7.40
CA GLN D 90 19.62 23.38 7.86
C GLN D 90 20.20 24.50 8.70
N GLY D 91 19.93 25.73 8.28
CA GLY D 91 20.43 26.95 8.94
C GLY D 91 19.78 27.14 10.28
N ASP D 92 20.25 28.14 11.03
CA ASP D 92 19.75 28.36 12.37
C ASP D 92 18.58 29.34 12.35
N GLY D 93 18.14 29.69 11.14
CA GLY D 93 17.03 30.62 10.95
C GLY D 93 17.39 32.10 11.10
N THR D 94 18.68 32.40 11.27
CA THR D 94 19.13 33.78 11.39
C THR D 94 19.98 34.16 10.22
N ALA D 95 20.25 35.46 10.14
CA ALA D 95 21.13 36.04 9.15
C ALA D 95 22.56 35.48 9.24
N ARG D 96 23.03 35.27 10.46
N ARG D 96 23.03 35.29 10.46
CA ARG D 96 24.44 34.98 10.69
CA ARG D 96 24.43 34.97 10.70
C ARG D 96 24.83 33.51 10.43
C ARG D 96 24.82 33.52 10.42
N ASN D 97 23.91 32.59 10.74
CA ASN D 97 24.14 31.14 10.49
C ASN D 97 25.51 30.62 11.01
N ARG D 98 25.85 31.00 12.24
CA ARG D 98 27.22 30.81 12.75
C ARG D 98 27.70 29.36 12.73
N THR D 99 26.90 28.43 13.23
CA THR D 99 27.38 27.05 13.34
C THR D 99 27.69 26.47 11.96
N ASN D 100 26.76 26.62 11.03
CA ASN D 100 27.00 26.09 9.67
C ASN D 100 28.20 26.73 8.95
N LEU D 101 28.41 28.03 9.18
CA LEU D 101 29.58 28.69 8.60
C LEU D 101 30.89 28.14 9.20
N ARG D 102 30.92 27.92 10.52
CA ARG D 102 32.08 27.27 11.14
C ARG D 102 32.29 25.87 10.57
N ARG D 103 31.18 25.13 10.39
CA ARG D 103 31.27 23.78 9.82
C ARG D 103 31.85 23.88 8.40
N ALA D 104 31.43 24.89 7.65
CA ALA D 104 31.94 25.02 6.26
C ALA D 104 33.44 25.31 6.29
N ALA D 105 33.86 26.21 7.19
CA ALA D 105 35.27 26.53 7.34
C ALA D 105 36.12 25.29 7.63
N GLN D 106 35.59 24.39 8.47
CA GLN D 106 36.30 23.16 8.83
C GLN D 106 36.44 22.22 7.61
N PHE D 107 35.39 22.12 6.81
CA PHE D 107 35.48 21.34 5.55
C PHE D 107 36.51 21.91 4.59
N LEU D 108 36.55 23.23 4.48
CA LEU D 108 37.57 23.88 3.64
C LEU D 108 38.98 23.58 4.15
N GLU D 109 39.20 23.67 5.46
CA GLU D 109 40.51 23.35 6.04
C GLU D 109 40.89 21.88 5.75
N GLN D 110 39.89 21.00 5.85
N GLN D 110 39.88 21.00 5.83
CA GLN D 110 40.00 19.59 5.46
CA GLN D 110 40.05 19.57 5.47
C GLN D 110 40.47 19.43 4.03
C GLN D 110 40.38 19.35 4.01
N ALA D 111 39.85 20.19 3.13
CA ALA D 111 40.17 20.13 1.70
C ALA D 111 41.52 20.80 1.36
N GLY D 112 42.25 21.23 2.38
CA GLY D 112 43.59 21.81 2.20
C GLY D 112 43.60 23.30 1.93
N PHE D 113 42.47 23.97 2.13
CA PHE D 113 42.44 25.40 2.01
C PHE D 113 42.93 26.09 3.29
N ARG D 114 43.64 27.19 3.11
CA ARG D 114 44.26 27.93 4.21
C ARG D 114 43.91 29.41 4.02
N ILE D 115 43.46 30.05 5.11
CA ILE D 115 43.23 31.49 5.15
C ILE D 115 44.57 32.23 5.28
N GLU D 116 44.84 33.13 4.34
CA GLU D 116 45.98 34.03 4.47
C GLU D 116 45.65 35.45 4.01
N GLN D 117 45.86 36.40 4.94
CA GLN D 117 45.45 37.80 4.76
C GLN D 117 43.98 37.92 4.35
N GLY D 118 43.12 37.16 5.04
CA GLY D 118 41.68 37.16 4.77
C GLY D 118 41.26 36.60 3.41
N GLN D 119 42.19 35.97 2.70
CA GLN D 119 41.88 35.23 1.46
C GLN D 119 41.94 33.74 1.74
N LEU D 120 41.04 32.97 1.15
CA LEU D 120 41.13 31.52 1.28
C LEU D 120 42.03 31.01 0.16
N LEU D 121 43.18 30.46 0.55
CA LEU D 121 44.17 29.95 -0.39
C LEU D 121 44.15 28.43 -0.44
N GLY D 122 44.04 27.90 -1.64
CA GLY D 122 44.02 26.45 -1.86
C GLY D 122 45.33 25.73 -1.67
N PRO D 123 45.32 24.39 -1.90
CA PRO D 123 46.52 23.57 -1.76
C PRO D 123 47.60 24.10 -2.69
N ASP D 124 47.18 24.50 -3.90
CA ASP D 124 48.06 25.05 -4.95
C ASP D 124 48.63 26.45 -4.66
N GLY D 125 48.09 27.14 -3.64
CA GLY D 125 48.60 28.45 -3.23
C GLY D 125 47.79 29.63 -3.76
N ALA D 126 47.00 29.38 -4.81
CA ALA D 126 46.17 30.40 -5.42
C ALA D 126 44.84 30.59 -4.67
N PRO D 127 44.37 31.85 -4.61
CA PRO D 127 43.03 32.10 -4.06
C PRO D 127 41.97 31.24 -4.75
N LEU D 128 40.97 30.79 -3.98
CA LEU D 128 39.85 30.09 -4.60
C LEU D 128 39.07 31.07 -5.47
N ALA D 129 39.00 30.75 -6.76
CA ALA D 129 38.19 31.53 -7.68
C ALA D 129 36.83 30.88 -7.73
N LEU D 130 35.80 31.67 -7.49
CA LEU D 130 34.45 31.17 -7.62
C LEU D 130 33.62 32.23 -8.34
N ARG D 131 33.19 31.93 -9.55
CA ARG D 131 32.29 32.83 -10.30
C ARG D 131 30.97 32.16 -10.58
N PHE D 132 29.89 32.87 -10.30
CA PHE D 132 28.54 32.44 -10.63
C PHE D 132 28.20 32.99 -12.01
N LEU D 133 28.01 32.10 -12.96
CA LEU D 133 27.62 32.53 -14.29
C LEU D 133 26.12 32.81 -14.25
N LEU D 134 25.74 34.04 -14.54
CA LEU D 134 24.37 34.44 -14.42
C LEU D 134 23.88 35.09 -15.72
N ARG D 135 22.71 34.66 -16.19
CA ARG D 135 22.04 35.38 -17.26
C ARG D 135 21.63 36.79 -16.81
N GLN D 136 22.05 37.82 -17.53
CA GLN D 136 21.63 39.19 -17.23
C GLN D 136 20.11 39.18 -17.23
N GLY D 137 19.51 39.88 -16.29
CA GLY D 137 18.04 39.92 -16.29
C GLY D 137 17.37 38.96 -15.32
N ASP D 138 18.11 37.93 -14.89
N ASP D 138 18.13 37.96 -14.87
CA ASP D 138 17.62 36.99 -13.88
CA ASP D 138 17.66 37.00 -13.90
C ASP D 138 17.76 37.59 -12.49
C ASP D 138 17.77 37.59 -12.49
N SER D 139 16.88 38.55 -12.18
CA SER D 139 16.97 39.33 -10.93
C SER D 139 16.73 38.53 -9.66
N ASP D 140 15.88 37.51 -9.71
CA ASP D 140 15.64 36.71 -8.51
C ASP D 140 16.92 35.99 -8.16
N GLN D 142 19.99 36.84 -9.04
CA GLN D 142 20.99 37.81 -8.61
C GLN D 142 20.88 38.16 -7.12
N THR D 143 19.67 38.44 -6.64
CA THR D 143 19.44 38.74 -5.22
C THR D 143 19.91 37.57 -4.33
N VAL D 144 19.54 36.34 -4.70
CA VAL D 144 19.99 35.17 -3.98
C VAL D 144 21.51 35.06 -3.90
N LEU D 145 22.17 35.21 -5.05
CA LEU D 145 23.60 35.05 -5.11
C LEU D 145 24.35 36.19 -4.43
N GLU D 146 23.78 37.39 -4.48
CA GLU D 146 24.38 38.52 -3.75
C GLU D 146 24.51 38.25 -2.26
N ILE D 147 23.43 37.75 -1.66
CA ILE D 147 23.40 37.36 -0.26
C ILE D 147 24.38 36.20 0.00
N TYR D 148 24.27 35.17 -0.82
CA TYR D 148 25.16 34.04 -0.70
C TYR D 148 26.64 34.45 -0.77
N THR D 149 26.98 35.35 -1.70
N THR D 149 26.95 35.39 -1.67
CA THR D 149 28.38 35.74 -1.89
CA THR D 149 28.31 35.93 -1.80
C THR D 149 29.02 36.34 -0.63
C THR D 149 28.83 36.54 -0.50
N ARG D 150 28.22 37.04 0.17
N ARG D 150 27.96 37.21 0.25
CA ARG D 150 28.75 37.64 1.39
CA ARG D 150 28.36 37.78 1.53
C ARG D 150 28.88 36.66 2.55
C ARG D 150 28.83 36.69 2.50
N ALA D 151 28.12 35.55 2.50
CA ALA D 151 28.42 34.44 3.39
C ALA D 151 29.75 33.82 2.96
N LEU D 152 29.95 33.63 1.66
CA LEU D 152 31.19 33.05 1.17
C LEU D 152 32.37 33.96 1.51
N GLU D 153 32.14 35.28 1.45
CA GLU D 153 33.16 36.23 1.85
C GLU D 153 33.62 36.04 3.29
N ARG D 154 32.73 35.61 4.17
CA ARG D 154 33.11 35.36 5.56
C ARG D 154 34.05 34.17 5.69
N LEU D 155 34.05 33.33 4.66
CA LEU D 155 34.94 32.18 4.59
C LEU D 155 36.25 32.51 3.88
N GLY D 156 36.41 33.74 3.41
CA GLY D 156 37.62 34.13 2.69
C GLY D 156 37.53 33.91 1.19
N ILE D 157 36.36 33.50 0.71
CA ILE D 157 36.18 33.26 -0.74
C ILE D 157 35.64 34.55 -1.36
N ALA D 158 36.35 35.13 -2.30
CA ALA D 158 35.86 36.38 -2.92
C ALA D 158 35.05 35.98 -4.15
N ALA D 159 33.81 35.55 -3.93
CA ALA D 159 32.97 35.03 -4.99
C ALA D 159 32.47 36.21 -5.82
N GLN D 160 32.38 36.00 -7.14
CA GLN D 160 31.99 37.03 -8.08
C GLN D 160 30.78 36.53 -8.83
N ILE D 161 29.81 37.41 -9.09
CA ILE D 161 28.75 37.10 -10.03
C ILE D 161 29.25 37.58 -11.38
N GLU D 162 29.21 36.71 -12.38
CA GLU D 162 29.56 37.08 -13.74
C GLU D 162 28.28 37.14 -14.55
N LYS D 163 27.75 38.35 -14.75
CA LYS D 163 26.53 38.54 -15.52
C LYS D 163 26.84 38.60 -17.03
N VAL D 164 26.11 37.82 -17.82
CA VAL D 164 26.33 37.79 -19.25
C VAL D 164 25.00 37.87 -20.00
N ASP D 165 25.04 38.26 -21.27
CA ASP D 165 23.83 38.32 -22.07
C ASP D 165 23.44 36.89 -22.47
N ASN D 166 22.24 36.77 -23.02
CA ASN D 166 21.71 35.45 -23.37
C ASN D 166 22.57 34.70 -24.34
N ALA D 167 23.15 35.39 -25.32
CA ALA D 167 23.99 34.69 -26.30
C ALA D 167 25.23 34.11 -25.63
N GLN D 168 25.90 34.90 -24.78
CA GLN D 168 27.04 34.38 -24.03
C GLN D 168 26.64 33.28 -23.07
N TYR D 169 25.49 33.43 -22.44
CA TYR D 169 25.03 32.42 -21.48
C TYR D 169 24.83 31.08 -22.20
N THR D 170 24.14 31.12 -23.35
CA THR D 170 23.94 29.89 -24.16
C THR D 170 25.27 29.24 -24.52
N ALA D 171 26.21 30.03 -25.07
CA ALA D 171 27.51 29.52 -25.45
C ALA D 171 28.28 28.92 -24.28
N ARG D 172 28.35 29.66 -23.16
CA ARG D 172 29.15 29.19 -22.01
C ARG D 172 28.61 27.90 -21.40
N VAL D 173 27.29 27.80 -21.28
CA VAL D 173 26.64 26.57 -20.77
C VAL D 173 26.84 25.39 -21.73
N ALA D 174 26.70 25.65 -23.03
CA ALA D 174 26.88 24.59 -24.01
C ALA D 174 28.33 24.07 -23.96
N GLU D 175 29.28 24.97 -23.69
CA GLU D 175 30.71 24.58 -23.60
C GLU D 175 31.12 24.13 -22.18
N LEU D 176 30.19 24.13 -21.23
CA LEU D 176 30.45 23.73 -19.84
C LEU D 176 31.52 24.65 -19.24
N ASP D 177 31.49 25.90 -19.66
CA ASP D 177 32.53 26.85 -19.21
C ASP D 177 32.00 27.71 -18.06
N PHE D 178 31.95 27.14 -16.85
CA PHE D 178 31.40 27.84 -15.69
C PHE D 178 31.85 27.09 -14.44
N ASP D 179 31.81 27.80 -13.31
CA ASP D 179 32.05 27.19 -12.00
C ASP D 179 30.69 26.74 -11.42
N LEU D 180 29.80 27.71 -11.18
CA LEU D 180 28.47 27.44 -10.72
C LEU D 180 27.53 28.26 -11.58
N THR D 181 26.31 27.78 -11.79
CA THR D 181 25.32 28.58 -12.53
C THR D 181 23.92 28.16 -12.10
N PRO D 182 22.93 29.05 -12.26
CA PRO D 182 21.58 28.58 -11.96
C PRO D 182 21.10 27.45 -12.88
N PHE D 183 20.23 26.60 -12.34
CA PHE D 183 19.92 25.30 -12.93
C PHE D 183 18.52 24.92 -12.57
N ARG D 184 17.77 24.40 -13.54
CA ARG D 184 16.47 23.81 -13.29
C ARG D 184 16.39 22.58 -14.15
N ARG D 185 16.08 21.45 -13.52
CA ARG D 185 15.79 20.24 -14.27
C ARG D 185 14.41 19.77 -13.85
N ASP D 186 13.49 19.70 -14.79
CA ASP D 186 12.12 19.27 -14.49
C ASP D 186 12.11 17.76 -14.67
N LEU D 187 11.50 17.03 -13.73
CA LEU D 187 11.53 15.56 -13.78
C LEU D 187 10.11 15.04 -13.69
N SER D 188 9.84 13.93 -14.35
CA SER D 188 8.49 13.40 -14.31
C SER D 188 8.34 12.36 -13.20
N LEU D 189 7.09 12.04 -12.87
CA LEU D 189 6.79 10.95 -11.93
C LEU D 189 6.92 9.55 -12.56
N SER D 190 7.25 9.52 -13.87
CA SER D 190 7.47 8.27 -14.62
C SER D 190 8.85 8.37 -15.29
N PRO D 191 9.94 8.45 -14.50
CA PRO D 191 11.21 8.69 -15.20
C PRO D 191 11.57 7.52 -16.10
N GLY D 192 12.23 7.82 -17.21
CA GLY D 192 12.55 6.80 -18.20
C GLY D 192 13.99 6.97 -18.66
N ASN D 193 14.21 6.63 -19.93
CA ASN D 193 15.54 6.62 -20.55
C ASN D 193 16.24 7.96 -20.49
N GLU D 194 15.47 9.04 -20.45
CA GLU D 194 16.05 10.39 -20.38
C GLU D 194 16.97 10.63 -19.19
N GLN D 195 16.77 9.88 -18.09
CA GLN D 195 17.62 10.02 -16.90
C GLN D 195 19.09 9.82 -17.23
N ARG D 196 19.41 9.01 -18.24
CA ARG D 196 20.80 8.85 -18.65
C ARG D 196 21.37 10.12 -19.26
N LEU D 197 20.51 10.95 -19.84
CA LEU D 197 20.97 12.20 -20.47
C LEU D 197 21.19 13.23 -19.40
N TYR D 198 20.46 13.10 -18.31
CA TYR D 198 20.56 14.05 -17.22
C TYR D 198 21.75 13.82 -16.26
N TRP D 199 22.07 12.55 -15.95
CA TRP D 199 22.95 12.20 -14.83
C TRP D 199 23.99 11.14 -15.21
N GLY D 200 23.88 10.61 -16.43
CA GLY D 200 24.65 9.42 -16.81
C GLY D 200 26.07 9.73 -17.17
N SER D 201 26.96 8.74 -17.00
CA SER D 201 28.38 8.99 -17.20
C SER D 201 28.72 9.45 -18.61
N HIS D 202 28.14 8.82 -19.63
CA HIS D 202 28.46 9.25 -21.01
C HIS D 202 28.08 10.74 -21.23
N SER D 203 26.90 11.12 -20.78
CA SER D 203 26.42 12.49 -20.93
C SER D 203 27.31 13.54 -20.24
N ALA D 204 28.01 13.18 -19.17
CA ALA D 204 28.89 14.14 -18.47
C ALA D 204 29.91 14.74 -19.44
N GLY D 205 30.37 13.95 -20.42
CA GLY D 205 31.43 14.40 -21.31
C GLY D 205 30.98 15.06 -22.61
N GLN D 206 29.69 15.32 -22.77
CA GLN D 206 29.18 15.75 -24.09
C GLN D 206 28.91 17.25 -24.13
N PRO D 207 29.30 17.93 -25.22
CA PRO D 207 28.95 19.36 -25.25
C PRO D 207 27.44 19.51 -25.37
N GLY D 208 26.89 20.55 -24.74
CA GLY D 208 25.45 20.76 -24.78
C GLY D 208 24.71 19.86 -23.82
N THR D 209 25.43 19.03 -23.08
CA THR D 209 24.78 18.09 -22.17
C THR D 209 23.81 18.70 -21.18
N ARG D 210 22.76 17.96 -20.85
CA ARG D 210 21.91 18.36 -19.72
C ARG D 210 22.60 18.06 -18.38
N ASN D 211 23.65 17.23 -18.40
CA ASN D 211 24.35 16.84 -17.18
C ASN D 211 25.35 17.97 -16.87
N LEU D 212 24.83 19.12 -16.46
CA LEU D 212 25.71 20.30 -16.25
C LEU D 212 26.72 20.05 -15.12
N GLY D 214 28.21 17.32 -14.43
CA GLY D 214 29.22 16.34 -14.76
C GLY D 214 29.17 15.14 -13.85
N ALA D 215 27.97 14.74 -13.44
CA ALA D 215 27.80 13.53 -12.63
C ALA D 215 28.26 12.32 -13.47
N ALA D 216 29.11 11.49 -12.91
CA ALA D 216 29.60 10.31 -13.63
C ALA D 216 29.94 9.28 -12.58
N SER D 217 29.01 8.37 -12.31
CA SER D 217 29.21 7.37 -11.28
C SER D 217 28.63 6.03 -11.73
N PRO D 218 29.37 4.92 -11.53
CA PRO D 218 28.74 3.62 -11.79
C PRO D 218 27.48 3.37 -10.98
N ALA D 219 27.42 3.88 -9.74
CA ALA D 219 26.22 3.74 -8.93
C ALA D 219 25.01 4.43 -9.59
N ILE D 220 25.20 5.66 -10.09
CA ILE D 220 24.11 6.38 -10.79
C ILE D 220 23.66 5.58 -12.00
N ASP D 221 24.61 5.21 -12.83
CA ASP D 221 24.34 4.47 -14.06
C ASP D 221 23.60 3.16 -13.75
N ALA D 222 24.01 2.46 -12.70
CA ALA D 222 23.36 1.20 -12.33
C ALA D 222 21.95 1.39 -11.77
N ILE D 224 19.81 3.75 -12.55
CA ILE D 224 19.00 3.99 -13.74
C ILE D 224 18.70 2.67 -14.44
N ASP D 225 19.73 1.82 -14.62
CA ASP D 225 19.49 0.48 -15.21
C ASP D 225 18.47 -0.31 -14.41
N ARG D 226 18.60 -0.32 -13.09
CA ARG D 226 17.67 -1.06 -12.23
C ARG D 226 16.26 -0.50 -12.36
N LEU D 228 14.94 1.08 -14.95
CA LEU D 228 14.39 0.76 -16.27
C LEU D 228 14.05 -0.73 -16.42
N ALA D 229 14.77 -1.58 -15.69
CA ALA D 229 14.52 -3.04 -15.72
C ALA D 229 13.41 -3.50 -14.76
N ALA D 230 13.02 -2.66 -13.80
CA ALA D 230 12.12 -3.08 -12.72
C ALA D 230 10.81 -3.66 -13.25
N THR D 231 10.42 -4.82 -12.74
CA THR D 231 9.18 -5.44 -13.21
C THR D 231 8.09 -5.45 -12.13
N THR D 232 8.36 -4.86 -10.98
CA THR D 232 7.37 -4.74 -9.90
C THR D 232 7.38 -3.30 -9.38
N GLU D 233 6.29 -2.87 -8.74
CA GLU D 233 6.25 -1.52 -8.12
C GLU D 233 7.28 -1.35 -7.01
N ASP D 234 7.41 -2.37 -6.17
CA ASP D 234 8.40 -2.39 -5.10
C ASP D 234 9.80 -2.13 -5.61
N GLU D 235 10.14 -2.82 -6.71
CA GLU D 235 11.48 -2.74 -7.25
C GLU D 235 11.67 -1.37 -7.91
N LEU D 236 10.66 -0.94 -8.66
CA LEU D 236 10.73 0.37 -9.29
C LEU D 236 10.94 1.47 -8.26
N THR D 237 10.17 1.41 -7.19
CA THR D 237 10.26 2.42 -6.12
C THR D 237 11.64 2.40 -5.47
N ALA D 238 12.14 1.19 -5.19
CA ALA D 238 13.40 1.09 -4.50
C ALA D 238 14.53 1.66 -5.35
N ALA D 239 14.53 1.32 -6.64
CA ALA D 239 15.58 1.81 -7.57
C ALA D 239 15.53 3.32 -7.78
N THR D 240 14.33 3.88 -7.89
CA THR D 240 14.18 5.33 -8.11
C THR D 240 14.63 6.09 -6.85
N ARG D 241 14.19 5.63 -5.68
CA ARG D 241 14.69 6.18 -4.41
C ARG D 241 16.21 6.08 -4.26
N ALA D 242 16.78 4.95 -4.65
CA ALA D 242 18.24 4.79 -4.61
C ALA D 242 18.91 5.82 -5.53
N LEU D 243 18.40 5.99 -6.75
CA LEU D 243 18.93 7.01 -7.64
C LEU D 243 18.82 8.38 -6.93
N ASP D 244 17.64 8.68 -6.39
CA ASP D 244 17.44 9.97 -5.72
C ASP D 244 18.50 10.18 -4.60
N ARG D 245 18.76 9.11 -3.85
CA ARG D 245 19.67 9.17 -2.74
C ARG D 245 21.11 9.45 -3.20
N VAL D 246 21.56 8.73 -4.24
CA VAL D 246 22.93 8.91 -4.74
C VAL D 246 23.09 10.29 -5.37
N LEU D 247 22.10 10.74 -6.15
CA LEU D 247 22.18 12.07 -6.74
C LEU D 247 22.28 13.16 -5.67
N THR D 248 21.43 13.05 -4.67
CA THR D 248 21.40 14.05 -3.61
C THR D 248 22.73 14.09 -2.82
N ALA D 249 23.25 12.93 -2.45
CA ALA D 249 24.54 12.87 -1.73
C ALA D 249 25.73 13.28 -2.61
N GLY D 250 25.56 13.25 -3.93
CA GLY D 250 26.55 13.77 -4.86
C GLY D 250 26.84 15.24 -4.66
N ARG D 251 25.95 15.99 -4.02
CA ARG D 251 26.20 17.42 -3.70
C ARG D 251 26.54 18.18 -4.96
N TYR D 252 25.71 17.98 -5.99
CA TYR D 252 25.91 18.59 -7.30
C TYR D 252 25.24 19.94 -7.47
N VAL D 253 24.22 20.21 -6.67
CA VAL D 253 23.38 21.38 -6.79
C VAL D 253 23.13 21.92 -5.38
N ILE D 254 23.20 23.24 -5.26
CA ILE D 254 22.77 23.91 -4.04
C ILE D 254 21.30 24.21 -4.27
N PRO D 255 20.39 23.46 -3.60
CA PRO D 255 18.97 23.64 -3.94
C PRO D 255 18.30 24.84 -3.33
N ILE D 256 17.28 25.35 -4.03
CA ILE D 256 16.44 26.41 -3.46
C ILE D 256 15.01 25.93 -3.48
N TRP D 257 14.06 26.83 -3.66
CA TRP D 257 12.66 26.47 -3.81
C TRP D 257 12.37 26.14 -5.27
N ARG D 258 11.19 25.59 -5.55
CA ARG D 258 10.81 25.15 -6.90
C ARG D 258 10.66 26.29 -7.90
#